data_7ZGN
#
_entry.id   7ZGN
#
_cell.length_a   59.050
_cell.length_b   100.550
_cell.length_c   180.370
_cell.angle_alpha   90.000
_cell.angle_beta   90.000
_cell.angle_gamma   90.000
#
_symmetry.space_group_name_H-M   'P 21 21 21'
#
loop_
_entity.id
_entity.type
_entity.pdbx_description
1 polymer 'Glpgli family protein'
2 water water
#
_entity_poly.entity_id   1
_entity_poly.type   'polypeptide(L)'
_entity_poly.pdbx_seq_one_letter_code
;MAAAAQNLQKKVKNAKGIEVIYQSSYKGKIRPGQIKMTVSGNQVALESVSPKGEKETATEGIREDKQPVIKNYIDYAGRE
AYKWAELPDGKIISAATPFEFGKGFTPAGEGKHLGLNCKIARTSINSNTIEVWYTHDIPFRGTPQANVGVPDGLVLKVVR
NGDMIQEASAITPLKKAQALLPDSWGEKMDAADYQYTINQSGVITIPVFDQQTICFNNAKLPDTLEDGITYSAGGGTLIL
KKVKLPESAKNRSIFVEVAQYSDGDAYDRTGSVFVIPTDKKQSFLDAIRNLKSVPSFQAKDGNYPALISTDDYEAPVELM
RFFTGFGVRKFNHNKVKGQHWVDSVIYKSEVTPLASQLQGEVWIGAYIGNWDAKGHRLSLKLKYYPDDERRVNKAMPLFN
TVNYLEQAGQAYPVFFLNDSLRVRFTLKEPAKNARLFYLTTGHGGWGNGDEFNQKPNTVYLDGKKVISFIPWRDDCGTYR
NSNPCSGNFSNGLSSSDLSRSNWCPGTVTTPEYIYLGDLEAGEHTLSVRIPQGAPEGGSNSYWCISGTLLYLEHHHHHH
;
_entity_poly.pdbx_strand_id   A,B
#
# COMPACT_ATOMS: atom_id res chain seq x y z
N GLN A 6 46.42 10.37 31.09
CA GLN A 6 46.21 11.58 30.24
C GLN A 6 45.96 12.78 31.14
N ASN A 7 46.81 13.81 31.01
CA ASN A 7 46.87 14.91 31.96
C ASN A 7 46.10 16.13 31.41
N LEU A 8 44.81 15.93 31.15
CA LEU A 8 44.07 16.74 30.19
C LEU A 8 43.97 18.19 30.66
N GLN A 9 43.52 18.37 31.90
CA GLN A 9 43.34 19.68 32.52
C GLN A 9 44.65 20.48 32.44
N LYS A 10 45.78 19.82 32.75
CA LYS A 10 47.05 20.52 32.77
C LYS A 10 47.47 20.94 31.35
N LYS A 11 47.23 20.08 30.33
CA LYS A 11 47.62 20.33 28.94
C LYS A 11 46.93 21.55 28.32
N VAL A 12 45.73 21.90 28.79
CA VAL A 12 44.98 22.93 28.12
C VAL A 12 44.64 24.06 29.09
N LYS A 13 45.21 24.03 30.30
CA LYS A 13 45.38 25.24 31.08
C LYS A 13 46.21 26.21 30.26
N ASN A 14 45.69 27.43 30.16
CA ASN A 14 46.34 28.53 29.47
C ASN A 14 46.41 28.29 27.97
N ALA A 15 45.71 27.29 27.40
CA ALA A 15 45.63 27.25 25.94
C ALA A 15 44.79 28.43 25.45
N LYS A 16 45.01 28.89 24.23
CA LYS A 16 44.19 29.96 23.70
C LYS A 16 42.87 29.43 23.12
N GLY A 17 42.65 28.13 23.26
CA GLY A 17 41.58 27.45 22.52
C GLY A 17 41.83 25.96 22.56
N ILE A 18 40.81 25.15 22.22
CA ILE A 18 40.95 23.72 22.11
C ILE A 18 40.31 23.18 20.83
N GLU A 19 40.77 22.01 20.43
CA GLU A 19 40.19 21.24 19.33
C GLU A 19 39.70 19.95 19.95
N VAL A 20 38.41 19.64 19.79
CA VAL A 20 37.85 18.41 20.33
C VAL A 20 37.44 17.57 19.14
N ILE A 21 37.82 16.29 19.13
CA ILE A 21 37.38 15.40 18.07
C ILE A 21 36.32 14.49 18.68
N TYR A 22 35.17 14.44 18.02
CA TYR A 22 34.04 13.64 18.47
C TYR A 22 33.89 12.46 17.52
N GLN A 23 33.73 11.27 18.10
CA GLN A 23 33.34 10.12 17.32
C GLN A 23 31.97 9.62 17.81
N SER A 24 31.28 8.94 16.87
CA SER A 24 29.93 8.45 17.08
C SER A 24 29.94 6.95 16.97
N SER A 25 29.05 6.33 17.74
CA SER A 25 28.93 4.88 17.79
C SER A 25 27.47 4.53 18.00
N TYR A 26 27.09 3.39 17.43
CA TYR A 26 25.77 2.80 17.56
C TYR A 26 25.90 1.41 18.16
N LYS A 27 25.51 1.28 19.43
CA LYS A 27 25.49 0.02 20.14
C LYS A 27 26.85 -0.67 20.06
N GLY A 28 27.93 0.11 20.27
CA GLY A 28 29.27 -0.42 20.23
C GLY A 28 30.00 -0.15 18.90
N LYS A 29 29.27 0.03 17.81
CA LYS A 29 29.86 0.05 16.48
C LYS A 29 30.10 1.48 16.02
N ILE A 30 31.40 1.76 15.90
CA ILE A 30 31.86 3.11 15.61
C ILE A 30 31.52 3.43 14.16
N ARG A 31 30.73 4.49 13.99
CA ARG A 31 30.22 4.90 12.70
C ARG A 31 31.30 5.68 11.98
N PRO A 32 31.26 5.82 10.63
CA PRO A 32 32.38 6.44 9.91
C PRO A 32 32.38 7.95 10.13
N GLY A 33 33.54 8.58 9.98
CA GLY A 33 33.53 10.04 9.94
C GLY A 33 33.22 10.66 11.31
N GLN A 34 33.77 11.86 11.51
CA GLN A 34 33.96 12.39 12.84
C GLN A 34 33.88 13.91 12.77
N ILE A 35 33.54 14.51 13.92
CA ILE A 35 33.34 15.94 13.99
C ILE A 35 34.50 16.59 14.74
N LYS A 36 35.06 17.64 14.14
CA LYS A 36 36.04 18.51 14.76
C LYS A 36 35.38 19.78 15.27
N MET A 37 35.49 20.00 16.59
CA MET A 37 34.93 21.18 17.20
C MET A 37 36.09 22.06 17.66
N THR A 38 36.20 23.25 17.07
CA THR A 38 37.28 24.17 17.36
C THR A 38 36.70 25.24 18.24
N VAL A 39 37.32 25.45 19.42
CA VAL A 39 36.79 26.38 20.40
C VAL A 39 37.86 27.43 20.68
N SER A 40 37.45 28.70 20.65
CA SER A 40 38.38 29.79 20.91
C SER A 40 37.60 30.99 21.41
N GLY A 41 37.87 31.36 22.66
CA GLY A 41 37.04 32.31 23.38
C GLY A 41 35.63 31.75 23.56
N ASN A 42 34.65 32.56 23.18
CA ASN A 42 33.25 32.19 23.23
C ASN A 42 32.72 31.72 21.87
N GLN A 43 33.61 31.39 20.92
CA GLN A 43 33.14 31.01 19.59
C GLN A 43 33.47 29.56 19.36
N VAL A 44 32.56 28.86 18.63
CA VAL A 44 32.76 27.47 18.27
C VAL A 44 32.40 27.26 16.81
N ALA A 45 33.28 26.55 16.14
CA ALA A 45 33.11 26.07 14.78
C ALA A 45 33.13 24.53 14.81
N LEU A 46 32.19 23.90 14.07
CA LEU A 46 32.14 22.43 13.94
C LEU A 46 32.10 22.00 12.47
N GLU A 47 33.02 21.11 12.10
CA GLU A 47 33.18 20.65 10.74
C GLU A 47 33.47 19.15 10.80
N SER A 48 33.34 18.45 9.66
CA SER A 48 33.63 17.02 9.63
C SER A 48 35.06 16.81 9.16
N VAL A 49 35.60 15.61 9.43
CA VAL A 49 36.99 15.29 9.15
C VAL A 49 37.83 15.98 10.23
N ASP A 65 26.32 16.67 -9.08
CA ASP A 65 27.09 15.67 -8.30
C ASP A 65 27.94 16.41 -7.26
N LYS A 66 27.62 17.68 -6.96
CA LYS A 66 28.39 18.48 -6.02
C LYS A 66 27.60 18.78 -4.75
N GLN A 67 28.28 18.61 -3.59
CA GLN A 67 27.64 18.58 -2.28
C GLN A 67 27.75 19.93 -1.59
N PRO A 68 26.75 20.34 -0.77
CA PRO A 68 26.83 21.61 -0.06
C PRO A 68 27.98 21.44 0.93
N VAL A 69 28.68 22.54 1.26
CA VAL A 69 29.60 22.55 2.40
C VAL A 69 28.80 22.96 3.63
N ILE A 70 28.81 22.09 4.62
CA ILE A 70 27.95 22.24 5.77
C ILE A 70 28.81 22.42 7.03
N LYS A 71 28.50 23.47 7.78
CA LYS A 71 29.21 23.79 8.99
C LYS A 71 28.20 24.16 10.07
N ASN A 72 28.65 24.01 11.31
CA ASN A 72 27.84 24.47 12.44
C ASN A 72 28.68 25.41 13.29
N TYR A 73 28.05 26.38 13.96
CA TYR A 73 28.77 27.31 14.83
C TYR A 73 27.99 27.55 16.12
N ILE A 74 28.72 27.94 17.18
CA ILE A 74 28.08 28.49 18.34
C ILE A 74 28.77 29.78 18.81
N ASP A 75 27.94 30.72 19.26
CA ASP A 75 28.38 31.90 19.97
C ASP A 75 27.83 31.82 21.40
N TYR A 76 28.73 31.51 22.33
CA TYR A 76 28.32 31.38 23.72
C TYR A 76 28.11 32.71 24.39
N ALA A 77 28.71 33.78 23.84
CA ALA A 77 28.49 35.11 24.36
C ALA A 77 27.09 35.61 24.05
N GLY A 78 26.77 35.64 22.74
CA GLY A 78 25.44 36.03 22.32
C GLY A 78 24.39 34.92 22.44
N ARG A 79 24.84 33.70 22.77
CA ARG A 79 23.96 32.52 22.92
C ARG A 79 23.10 32.26 21.67
N GLU A 80 23.79 32.08 20.56
CA GLU A 80 23.14 31.54 19.38
C GLU A 80 23.93 30.41 18.75
N ALA A 81 23.15 29.42 18.31
CA ALA A 81 23.68 28.28 17.61
C ALA A 81 23.29 28.43 16.13
N TYR A 82 24.20 28.02 15.26
CA TYR A 82 24.05 28.35 13.86
C TYR A 82 24.29 27.11 13.02
N LYS A 83 23.40 26.96 12.04
CA LYS A 83 23.70 26.11 10.90
C LYS A 83 24.08 26.99 9.72
N TRP A 84 25.07 26.54 8.92
CA TRP A 84 25.64 27.32 7.87
C TRP A 84 25.96 26.39 6.72
N ALA A 85 25.76 26.91 5.50
CA ALA A 85 26.06 26.11 4.32
C ALA A 85 26.31 27.01 3.10
N GLU A 86 27.24 26.49 2.33
CA GLU A 86 27.51 26.98 1.00
C GLU A 86 26.99 25.92 0.04
N LEU A 87 25.95 26.30 -0.72
CA LEU A 87 25.28 25.39 -1.63
C LEU A 87 26.11 25.27 -2.90
N PRO A 88 25.89 24.22 -3.72
CA PRO A 88 26.65 24.05 -4.95
C PRO A 88 26.67 25.33 -5.76
N ASP A 89 25.57 26.10 -5.77
CA ASP A 89 25.51 27.30 -6.58
C ASP A 89 26.26 28.48 -5.94
N GLY A 90 26.91 28.26 -4.78
CA GLY A 90 27.66 29.30 -4.07
C GLY A 90 26.79 30.36 -3.41
N LYS A 91 25.52 30.04 -3.15
CA LYS A 91 24.69 30.82 -2.24
C LYS A 91 24.97 30.36 -0.80
N ILE A 92 25.10 31.34 0.11
CA ILE A 92 25.30 31.08 1.51
C ILE A 92 23.93 31.12 2.14
N ILE A 93 23.63 30.05 2.91
CA ILE A 93 22.44 30.08 3.73
C ILE A 93 22.79 29.70 5.16
N SER A 94 21.92 30.11 6.08
CA SER A 94 22.18 29.79 7.47
C SER A 94 20.90 29.82 8.26
N ALA A 95 20.91 29.18 9.43
CA ALA A 95 19.79 29.34 10.34
C ALA A 95 20.32 29.57 11.74
N ALA A 96 19.70 30.52 12.45
CA ALA A 96 20.16 30.94 13.77
C ALA A 96 19.12 30.52 14.80
N THR A 97 19.57 29.86 15.86
CA THR A 97 18.69 29.53 16.95
C THR A 97 19.20 30.13 18.28
N PRO A 98 18.55 31.16 18.83
CA PRO A 98 18.87 31.59 20.20
C PRO A 98 18.50 30.52 21.23
N PHE A 99 19.28 30.44 22.30
CA PHE A 99 19.10 29.44 23.32
C PHE A 99 19.33 30.11 24.69
N GLU A 100 18.79 29.46 25.71
CA GLU A 100 19.18 29.71 27.09
C GLU A 100 19.93 28.48 27.63
N PHE A 101 20.89 28.75 28.51
CA PHE A 101 21.66 27.65 29.10
C PHE A 101 20.73 26.72 29.85
N GLY A 102 20.87 25.39 29.64
CA GLY A 102 20.17 24.39 30.44
C GLY A 102 18.67 24.26 30.16
N LYS A 103 18.15 24.83 29.08
CA LYS A 103 16.74 24.78 28.72
C LYS A 103 16.34 23.34 28.45
N GLY A 104 15.24 22.92 29.10
CA GLY A 104 14.67 21.59 28.92
C GLY A 104 15.48 20.49 29.61
N PHE A 105 16.45 20.86 30.44
CA PHE A 105 17.34 19.87 31.06
C PHE A 105 16.91 19.62 32.50
N THR A 106 17.04 18.37 32.95
CA THR A 106 16.84 17.98 34.34
C THR A 106 18.15 17.37 34.80
N PRO A 107 18.72 17.78 35.96
CA PRO A 107 19.97 17.15 36.43
C PRO A 107 19.75 15.64 36.47
N ALA A 108 20.78 14.86 36.13
CA ALA A 108 20.67 13.40 36.11
C ALA A 108 22.04 12.80 36.45
N GLY A 109 22.74 13.44 37.39
CA GLY A 109 23.84 12.82 38.10
C GLY A 109 25.21 13.29 37.63
N GLU A 110 26.20 12.46 37.95
CA GLU A 110 27.59 12.79 37.73
C GLU A 110 28.27 11.64 36.98
N GLY A 111 29.36 11.95 36.27
CA GLY A 111 30.20 10.93 35.65
C GLY A 111 31.59 11.50 35.33
N LYS A 112 32.43 10.69 34.70
CA LYS A 112 33.78 11.07 34.28
C LYS A 112 33.92 10.71 32.79
N HIS A 113 34.59 11.55 32.03
CA HIS A 113 34.96 11.26 30.65
C HIS A 113 36.31 11.87 30.39
N LEU A 114 37.20 11.08 29.80
CA LEU A 114 38.58 11.48 29.57
C LEU A 114 39.18 12.10 30.84
N GLY A 115 38.84 11.53 32.01
CA GLY A 115 39.40 12.00 33.28
C GLY A 115 38.80 13.30 33.79
N LEU A 116 37.74 13.83 33.15
CA LEU A 116 37.14 15.09 33.54
C LEU A 116 35.78 14.84 34.17
N ASN A 117 35.46 15.58 35.24
CA ASN A 117 34.18 15.38 35.92
C ASN A 117 33.07 16.12 35.20
N CYS A 118 31.93 15.43 35.04
CA CYS A 118 30.84 15.87 34.21
C CYS A 118 29.56 15.90 35.02
N LYS A 119 28.77 16.97 34.90
CA LYS A 119 27.37 16.83 35.27
C LYS A 119 26.71 16.08 34.11
N ILE A 120 25.64 15.33 34.38
CA ILE A 120 24.84 14.73 33.33
C ILE A 120 23.45 15.37 33.38
N ALA A 121 22.94 15.84 32.25
CA ALA A 121 21.60 16.39 32.22
C ALA A 121 20.76 15.51 31.29
N ARG A 122 19.47 15.37 31.59
CA ARG A 122 18.60 14.53 30.79
C ARG A 122 17.51 15.43 30.25
N THR A 123 17.16 15.14 29.01
CA THR A 123 16.04 15.79 28.37
C THR A 123 15.43 14.71 27.49
N SER A 124 14.18 14.93 27.06
CA SER A 124 13.58 14.06 26.06
C SER A 124 13.11 14.92 24.88
N ILE A 125 13.37 14.45 23.66
CA ILE A 125 13.08 15.20 22.44
C ILE A 125 12.50 14.24 21.38
N ASN A 126 11.26 14.48 20.96
CA ASN A 126 10.62 13.60 19.99
C ASN A 126 10.73 12.14 20.46
N SER A 127 10.39 11.84 21.74
CA SER A 127 10.39 10.46 22.23
C SER A 127 11.77 9.97 22.61
N ASN A 128 12.86 10.69 22.29
CA ASN A 128 14.17 10.18 22.63
C ASN A 128 14.59 10.68 24.00
N THR A 129 15.29 9.79 24.71
CA THR A 129 15.94 10.19 25.93
C THR A 129 17.34 10.59 25.56
N ILE A 130 17.72 11.79 26.02
CA ILE A 130 19.03 12.28 25.71
C ILE A 130 19.70 12.70 27.01
N GLU A 131 20.91 12.16 27.19
CA GLU A 131 21.79 12.60 28.27
C GLU A 131 23.05 13.23 27.71
N VAL A 132 23.38 14.35 28.33
CA VAL A 132 24.42 15.25 27.86
C VAL A 132 25.40 15.37 29.01
N TRP A 133 26.62 14.89 28.78
CA TRP A 133 27.71 14.95 29.75
C TRP A 133 28.53 16.21 29.51
N TYR A 134 28.69 17.07 30.53
CA TYR A 134 29.42 18.30 30.31
C TYR A 134 30.30 18.67 31.51
N THR A 135 31.53 19.12 31.21
CA THR A 135 32.51 19.44 32.23
C THR A 135 32.67 20.95 32.37
N HIS A 136 32.95 21.37 33.61
CA HIS A 136 33.54 22.68 33.87
C HIS A 136 35.00 22.56 34.28
N ASP A 137 35.64 21.40 34.06
CA ASP A 137 37.00 21.19 34.56
C ASP A 137 38.01 22.04 33.81
N ILE A 138 37.66 22.57 32.64
CA ILE A 138 38.61 23.28 31.79
C ILE A 138 37.86 24.47 31.23
N PRO A 139 38.49 25.64 30.95
CA PRO A 139 37.73 26.87 30.73
C PRO A 139 37.38 27.10 29.27
N PHE A 140 36.50 26.24 28.73
CA PHE A 140 36.13 26.23 27.32
C PHE A 140 34.70 25.72 27.27
N ARG A 141 33.85 26.34 26.47
CA ARG A 141 32.48 25.84 26.31
C ARG A 141 32.28 25.44 24.85
N GLY A 142 31.35 24.50 24.63
CA GLY A 142 31.11 23.95 23.31
C GLY A 142 30.21 22.71 23.39
N THR A 143 29.50 22.38 22.29
CA THR A 143 28.75 21.11 22.20
C THR A 143 28.63 20.69 20.76
N PRO A 144 28.69 19.38 20.44
CA PRO A 144 28.50 18.92 19.06
C PRO A 144 27.03 18.87 18.65
N GLN A 145 26.11 19.06 19.59
CA GLN A 145 24.69 18.89 19.33
C GLN A 145 23.91 19.95 20.09
N ALA A 146 24.03 21.17 19.58
CA ALA A 146 23.33 22.26 20.22
C ALA A 146 21.83 22.04 20.19
N ASN A 147 21.31 21.32 19.19
CA ASN A 147 19.87 21.25 18.94
C ASN A 147 19.14 20.45 20.03
N VAL A 148 19.85 19.70 20.90
CA VAL A 148 19.23 19.00 22.00
C VAL A 148 19.19 19.90 23.26
N GLY A 149 19.74 21.11 23.14
CA GLY A 149 19.91 22.04 24.26
C GLY A 149 21.39 22.21 24.64
N VAL A 150 21.73 23.40 25.18
CA VAL A 150 23.11 23.80 25.38
C VAL A 150 23.35 23.97 26.89
N PRO A 151 24.11 23.08 27.53
CA PRO A 151 24.45 23.26 28.94
C PRO A 151 25.58 24.30 28.99
N ASP A 152 25.68 24.98 30.15
CA ASP A 152 26.77 25.94 30.35
C ASP A 152 28.05 25.17 30.68
N GLY A 153 28.75 24.71 29.63
CA GLY A 153 29.99 23.98 29.77
C GLY A 153 30.43 23.40 28.43
N LEU A 154 31.42 22.52 28.57
CA LEU A 154 31.97 21.77 27.47
C LEU A 154 31.37 20.38 27.42
N VAL A 155 30.69 20.05 26.32
CA VAL A 155 29.97 18.79 26.18
C VAL A 155 30.96 17.74 25.70
N LEU A 156 31.12 16.70 26.52
CA LEU A 156 32.03 15.60 26.24
C LEU A 156 31.28 14.36 25.68
N LYS A 157 29.96 14.30 25.89
CA LYS A 157 29.17 13.15 25.44
C LYS A 157 27.70 13.46 25.35
N VAL A 158 27.10 12.89 24.29
CA VAL A 158 25.67 12.91 24.09
C VAL A 158 25.24 11.46 23.91
N VAL A 159 24.26 11.04 24.71
CA VAL A 159 23.72 9.68 24.70
C VAL A 159 22.22 9.79 24.41
N ARG A 160 21.84 9.21 23.25
CA ARG A 160 20.47 9.11 22.82
C ARG A 160 20.01 7.67 23.04
N ASN A 161 18.96 7.52 23.84
CA ASN A 161 18.30 6.24 24.04
C ASN A 161 19.31 5.18 24.45
N GLY A 162 20.21 5.56 25.37
CA GLY A 162 21.19 4.67 25.96
C GLY A 162 22.21 4.07 25.00
N ASP A 163 22.00 4.18 23.68
CA ASP A 163 22.67 3.34 22.68
C ASP A 163 23.49 4.15 21.67
N MET A 164 22.91 5.27 21.21
CA MET A 164 23.50 6.15 20.20
C MET A 164 24.39 7.20 20.91
N ILE A 165 25.70 7.14 20.66
CA ILE A 165 26.66 7.90 21.46
C ILE A 165 27.58 8.69 20.54
N GLN A 166 27.67 9.99 20.87
CA GLN A 166 28.69 10.88 20.31
C GLN A 166 29.53 11.34 21.50
N GLU A 167 30.83 11.05 21.43
CA GLU A 167 31.72 11.28 22.56
C GLU A 167 33.04 11.85 22.06
N ALA A 168 33.64 12.70 22.90
CA ALA A 168 34.94 13.26 22.66
C ALA A 168 35.97 12.15 22.77
N SER A 169 36.80 12.01 21.73
CA SER A 169 37.88 11.04 21.72
C SER A 169 39.19 11.75 22.04
N ALA A 170 39.25 13.06 21.85
CA ALA A 170 40.50 13.79 22.11
C ALA A 170 40.23 15.29 22.25
N ILE A 171 41.06 15.95 23.08
CA ILE A 171 41.05 17.38 23.27
C ILE A 171 42.50 17.85 23.11
N THR A 172 42.77 18.83 22.23
CA THR A 172 44.12 19.32 22.07
C THR A 172 44.13 20.85 22.08
N PRO A 173 45.21 21.45 22.61
CA PRO A 173 45.30 22.91 22.70
C PRO A 173 45.57 23.62 21.39
N LEU A 174 45.04 24.83 21.25
CA LEU A 174 45.44 25.69 20.15
C LEU A 174 46.36 26.77 20.69
N LYS A 175 47.44 27.05 19.95
CA LYS A 175 48.46 27.99 20.40
C LYS A 175 48.00 29.41 20.14
N LYS A 176 47.08 29.59 19.18
CA LYS A 176 46.74 30.94 18.76
C LYS A 176 45.25 31.22 18.98
N ALA A 177 44.93 32.42 19.46
CA ALA A 177 43.55 32.88 19.50
C ALA A 177 43.06 33.21 18.09
N GLN A 178 41.75 33.15 17.89
CA GLN A 178 41.21 33.03 16.55
C GLN A 178 39.70 33.29 16.60
N ALA A 179 39.22 34.14 15.69
CA ALA A 179 37.81 34.29 15.42
C ALA A 179 37.37 33.13 14.53
N LEU A 180 36.24 32.50 14.90
CA LEU A 180 35.77 31.28 14.25
C LEU A 180 34.47 31.48 13.47
N LEU A 181 33.59 32.39 13.90
CA LEU A 181 32.34 32.62 13.20
C LEU A 181 32.70 32.99 11.78
N PRO A 182 31.84 32.68 10.77
CA PRO A 182 32.18 32.92 9.36
C PRO A 182 32.03 34.39 8.98
N ASP A 183 32.61 34.76 7.84
CA ASP A 183 32.45 36.06 7.19
C ASP A 183 30.98 36.50 7.11
N SER A 184 30.14 35.69 6.48
CA SER A 184 28.77 36.06 6.17
C SER A 184 27.83 35.01 6.74
N TRP A 185 26.60 35.37 7.14
CA TRP A 185 25.52 34.42 7.39
C TRP A 185 24.69 34.18 6.13
N GLY A 186 25.01 34.89 5.02
CA GLY A 186 24.23 34.84 3.79
C GLY A 186 22.75 34.96 4.08
N GLU A 187 21.95 34.06 3.47
CA GLU A 187 20.51 34.21 3.59
C GLU A 187 20.06 33.44 4.82
N LYS A 188 19.45 34.17 5.75
CA LYS A 188 18.95 33.66 7.02
C LYS A 188 17.56 33.06 6.81
N MET A 189 17.40 31.83 7.28
CA MET A 189 16.21 31.04 7.10
C MET A 189 15.80 30.51 8.46
N ASP A 190 14.54 30.08 8.61
CA ASP A 190 14.20 29.31 9.77
C ASP A 190 14.72 27.87 9.55
N ALA A 191 14.77 27.12 10.64
CA ALA A 191 15.49 25.88 10.67
C ALA A 191 14.89 24.91 9.63
N ALA A 192 13.58 24.90 9.49
CA ALA A 192 12.93 23.91 8.63
C ALA A 192 13.27 24.17 7.15
N ASP A 193 13.29 25.45 6.73
CA ASP A 193 13.63 25.86 5.39
C ASP A 193 15.10 25.61 5.13
N TYR A 194 15.94 25.86 6.11
CA TYR A 194 17.36 25.57 5.94
C TYR A 194 17.56 24.07 5.70
N GLN A 195 16.93 23.24 6.53
CA GLN A 195 17.21 21.81 6.53
C GLN A 195 16.73 21.21 5.19
N TYR A 196 15.58 21.66 4.76
CA TYR A 196 15.05 21.21 3.51
C TYR A 196 15.95 21.64 2.36
N THR A 197 16.41 22.90 2.38
CA THR A 197 17.26 23.39 1.31
C THR A 197 18.53 22.56 1.26
N ILE A 198 19.26 22.34 2.38
CA ILE A 198 20.50 21.60 2.26
C ILE A 198 20.24 20.15 1.85
N ASN A 199 19.16 19.56 2.40
CA ASN A 199 18.85 18.14 2.20
C ASN A 199 18.59 17.86 0.72
N GLN A 200 17.88 18.75 0.05
CA GLN A 200 17.56 18.57 -1.36
C GLN A 200 18.68 19.03 -2.30
N SER A 201 19.75 19.63 -1.77
CA SER A 201 20.76 20.25 -2.61
C SER A 201 21.47 19.27 -3.54
N GLY A 202 21.82 18.06 -3.08
CA GLY A 202 22.49 17.07 -3.91
C GLY A 202 21.56 16.16 -4.73
N VAL A 203 20.25 16.45 -4.75
CA VAL A 203 19.24 15.61 -5.36
C VAL A 203 19.05 16.06 -6.79
N ILE A 204 19.12 15.12 -7.72
CA ILE A 204 18.76 15.43 -9.09
C ILE A 204 17.31 15.03 -9.30
N THR A 205 16.50 15.96 -9.76
CA THR A 205 15.12 15.73 -10.06
C THR A 205 14.91 15.92 -11.56
N ILE A 206 14.41 14.92 -12.26
CA ILE A 206 14.13 15.01 -13.68
C ILE A 206 12.63 15.05 -13.86
N PRO A 207 12.03 16.24 -14.18
CA PRO A 207 10.59 16.34 -14.44
C PRO A 207 10.35 15.71 -15.78
N VAL A 208 9.27 14.94 -15.94
CA VAL A 208 9.01 14.28 -17.19
C VAL A 208 7.66 14.72 -17.73
N PHE A 209 6.58 14.45 -16.99
CA PHE A 209 5.21 14.86 -17.29
C PHE A 209 4.62 15.64 -16.13
N ASP A 210 3.84 16.71 -16.44
CA ASP A 210 3.20 17.51 -15.38
C ASP A 210 1.71 17.67 -15.71
N GLN A 211 0.85 16.93 -15.03
CA GLN A 211 -0.58 16.96 -15.27
C GLN A 211 -0.93 16.90 -16.74
N GLN A 212 -0.37 15.89 -17.38
CA GLN A 212 -0.53 15.63 -18.77
C GLN A 212 -1.71 14.70 -19.00
N THR A 213 -2.47 14.98 -20.05
CA THR A 213 -3.67 14.28 -20.41
C THR A 213 -3.34 12.90 -20.98
N ILE A 214 -4.03 11.86 -20.49
CA ILE A 214 -3.96 10.55 -21.06
C ILE A 214 -5.40 10.13 -21.34
N CYS A 215 -5.77 9.97 -22.62
CA CYS A 215 -7.17 9.77 -22.95
C CYS A 215 -7.27 9.07 -24.29
N PHE A 216 -8.45 8.61 -24.66
CA PHE A 216 -8.64 7.96 -25.94
C PHE A 216 -9.07 9.02 -26.94
N ASN A 217 -8.15 9.44 -27.80
CA ASN A 217 -8.42 10.47 -28.82
C ASN A 217 -7.76 10.08 -30.13
N ASN A 218 -7.61 8.78 -30.39
CA ASN A 218 -7.08 8.28 -31.66
C ASN A 218 -5.71 8.87 -32.01
N ALA A 219 -5.01 9.58 -31.10
CA ALA A 219 -3.71 10.15 -31.43
C ALA A 219 -2.75 9.08 -31.96
N LYS A 220 -1.86 9.48 -32.87
CA LYS A 220 -0.90 8.62 -33.56
C LYS A 220 0.48 9.22 -33.37
N LEU A 221 1.52 8.39 -33.40
CA LEU A 221 2.87 8.87 -33.24
C LEU A 221 3.29 9.54 -34.56
N PRO A 222 3.75 10.81 -34.55
CA PRO A 222 4.34 11.44 -35.73
C PRO A 222 5.49 10.65 -36.36
N ASP A 223 5.92 11.11 -37.54
CA ASP A 223 7.07 10.50 -38.18
C ASP A 223 8.33 11.26 -37.81
N THR A 224 8.19 12.41 -37.18
CA THR A 224 9.35 13.10 -36.62
C THR A 224 9.16 13.20 -35.11
N LEU A 225 10.13 12.65 -34.36
CA LEU A 225 10.12 12.77 -32.91
C LEU A 225 11.35 13.56 -32.49
N GLU A 226 11.13 14.73 -31.94
CA GLU A 226 12.17 15.58 -31.41
C GLU A 226 12.32 15.28 -29.92
N ASP A 227 13.46 15.71 -29.36
CA ASP A 227 13.81 15.54 -27.97
C ASP A 227 12.95 16.44 -27.11
N GLY A 228 12.60 15.97 -25.91
CA GLY A 228 12.02 16.84 -24.89
C GLY A 228 10.55 17.15 -25.16
N ILE A 229 9.89 16.42 -26.06
CA ILE A 229 8.52 16.77 -26.39
C ILE A 229 7.66 15.57 -26.02
N THR A 230 6.49 15.86 -25.49
CA THR A 230 5.53 14.83 -25.20
C THR A 230 4.79 14.44 -26.48
N TYR A 231 4.76 13.17 -26.78
CA TYR A 231 3.95 12.66 -27.86
C TYR A 231 2.92 11.71 -27.26
N SER A 232 1.79 11.60 -27.96
CA SER A 232 0.66 10.81 -27.55
C SER A 232 0.58 9.71 -28.55
N ALA A 233 0.20 8.50 -28.13
CA ALA A 233 0.28 7.42 -29.07
C ALA A 233 -0.60 6.32 -28.58
N GLY A 234 -0.63 5.23 -29.35
CA GLY A 234 -1.55 4.15 -29.07
C GLY A 234 -2.96 4.63 -28.72
N GLY A 235 -3.42 5.69 -29.41
CA GLY A 235 -4.80 6.16 -29.38
C GLY A 235 -5.04 7.23 -28.33
N GLY A 236 -3.93 7.79 -27.79
CA GLY A 236 -3.96 8.80 -26.75
C GLY A 236 -3.48 8.32 -25.35
N THR A 237 -3.54 7.02 -25.09
CA THR A 237 -3.37 6.50 -23.73
C THR A 237 -1.91 6.19 -23.41
N LEU A 238 -1.00 6.38 -24.37
CA LEU A 238 0.44 6.43 -24.10
C LEU A 238 0.94 7.83 -24.31
N ILE A 239 1.75 8.32 -23.38
CA ILE A 239 2.48 9.54 -23.59
C ILE A 239 3.96 9.19 -23.47
N LEU A 240 4.77 9.72 -24.37
CA LEU A 240 6.17 9.38 -24.50
C LEU A 240 6.96 10.67 -24.50
N LYS A 241 8.14 10.64 -23.89
CA LYS A 241 9.09 11.73 -24.01
C LYS A 241 10.55 11.26 -23.94
N LYS A 242 11.37 11.83 -24.83
CA LYS A 242 12.78 11.61 -24.74
C LYS A 242 13.45 12.66 -23.89
N VAL A 243 14.07 12.19 -22.81
CA VAL A 243 14.47 12.95 -21.65
C VAL A 243 15.95 12.71 -21.43
N LYS A 244 16.61 13.74 -20.92
CA LYS A 244 18.03 13.70 -20.68
C LYS A 244 18.22 13.33 -19.22
N LEU A 245 18.74 12.12 -19.00
CA LEU A 245 18.92 11.60 -17.67
C LEU A 245 20.39 11.80 -17.34
N PRO A 246 20.80 11.71 -16.08
CA PRO A 246 22.21 11.81 -15.76
C PRO A 246 23.01 10.80 -16.58
N GLU A 247 24.24 11.20 -16.89
CA GLU A 247 25.12 10.43 -17.75
C GLU A 247 25.46 9.09 -17.12
N SER A 248 25.79 9.15 -15.83
CA SER A 248 25.93 7.98 -15.01
C SER A 248 25.01 8.07 -13.78
N ALA A 249 24.41 6.95 -13.43
CA ALA A 249 23.54 6.86 -12.26
C ALA A 249 24.27 6.19 -11.12
N LYS A 250 25.58 5.97 -11.28
CA LYS A 250 26.32 5.36 -10.21
C LYS A 250 26.13 6.19 -8.95
N ASN A 251 26.28 5.54 -7.78
CA ASN A 251 26.25 6.16 -6.46
C ASN A 251 24.97 6.97 -6.25
N ARG A 252 23.84 6.46 -6.76
CA ARG A 252 22.54 7.10 -6.56
C ARG A 252 21.49 6.03 -6.28
N SER A 253 20.51 6.38 -5.46
CA SER A 253 19.27 5.60 -5.48
C SER A 253 18.30 6.38 -6.32
N ILE A 254 17.40 5.66 -7.01
CA ILE A 254 16.56 6.23 -8.02
C ILE A 254 15.11 5.87 -7.68
N PHE A 255 14.22 6.88 -7.66
CA PHE A 255 12.82 6.70 -7.42
C PHE A 255 12.05 7.37 -8.57
N VAL A 256 10.91 6.76 -8.85
CA VAL A 256 9.88 7.18 -9.76
C VAL A 256 8.73 7.72 -8.92
N GLU A 257 8.26 8.91 -9.28
CA GLU A 257 7.12 9.55 -8.61
C GLU A 257 6.06 9.89 -9.63
N VAL A 258 4.84 9.36 -9.41
CA VAL A 258 3.68 9.63 -10.22
C VAL A 258 2.65 10.35 -9.35
N ALA A 259 1.88 11.27 -9.97
CA ALA A 259 0.70 11.91 -9.33
C ALA A 259 -0.41 11.83 -10.35
N GLN A 260 -1.63 11.45 -9.93
CA GLN A 260 -2.73 11.23 -10.85
C GLN A 260 -4.06 11.74 -10.27
N TYR A 261 -4.97 12.07 -11.17
CA TYR A 261 -6.37 12.32 -10.87
C TYR A 261 -7.13 12.08 -12.16
N SER A 262 -8.43 11.79 -12.06
CA SER A 262 -9.31 11.66 -13.22
C SER A 262 -9.66 13.07 -13.69
N ASP A 263 -9.75 13.23 -15.01
CA ASP A 263 -10.32 14.39 -15.68
C ASP A 263 -11.60 13.97 -16.39
N GLY A 264 -12.19 12.84 -15.96
CA GLY A 264 -13.45 12.44 -16.52
C GLY A 264 -13.75 10.96 -16.42
N ASP A 265 -12.71 10.09 -16.46
CA ASP A 265 -12.89 8.63 -16.46
C ASP A 265 -13.24 8.17 -15.05
N ALA A 266 -14.25 7.30 -14.95
CA ALA A 266 -14.78 6.92 -13.66
C ALA A 266 -14.06 5.70 -13.08
N TYR A 267 -13.37 4.92 -13.92
CA TYR A 267 -13.01 3.55 -13.60
C TYR A 267 -11.57 3.41 -13.06
N ASP A 268 -11.34 2.25 -12.43
CA ASP A 268 -10.00 1.83 -12.00
C ASP A 268 -9.20 1.31 -13.18
N ARG A 269 -8.14 2.00 -13.61
CA ARG A 269 -7.48 1.57 -14.84
C ARG A 269 -6.04 1.08 -14.54
N THR A 270 -5.53 0.24 -15.43
CA THR A 270 -4.14 -0.25 -15.47
C THR A 270 -3.21 0.88 -15.90
N GLY A 271 -2.24 1.20 -15.02
CA GLY A 271 -1.22 2.21 -15.24
C GLY A 271 0.18 1.57 -15.27
N SER A 272 1.06 2.15 -16.04
CA SER A 272 2.44 1.69 -16.11
C SER A 272 3.34 2.85 -16.51
N VAL A 273 4.50 2.91 -15.89
CA VAL A 273 5.59 3.73 -16.35
C VAL A 273 6.71 2.82 -16.88
N PHE A 274 7.27 3.18 -18.04
CA PHE A 274 8.20 2.32 -18.77
C PHE A 274 9.29 3.16 -19.44
N VAL A 275 10.40 2.54 -19.80
CA VAL A 275 11.38 3.17 -20.65
C VAL A 275 11.58 2.25 -21.84
N ILE A 276 11.98 2.85 -22.97
CA ILE A 276 12.09 2.13 -24.23
C ILE A 276 13.55 2.03 -24.61
N PRO A 277 14.24 0.91 -24.33
CA PRO A 277 15.62 0.78 -24.77
C PRO A 277 15.65 0.62 -26.31
N THR A 278 16.69 1.19 -26.92
CA THR A 278 16.88 1.17 -28.36
C THR A 278 18.26 0.60 -28.68
N ASP A 279 18.69 -0.42 -27.94
CA ASP A 279 20.00 -1.02 -28.13
C ASP A 279 20.00 -2.13 -29.19
N LYS A 280 18.85 -2.47 -29.78
CA LYS A 280 18.84 -3.48 -30.80
C LYS A 280 18.26 -2.86 -32.06
N LYS A 281 17.98 -3.68 -33.06
CA LYS A 281 17.57 -3.12 -34.33
C LYS A 281 16.18 -2.49 -34.22
N GLN A 282 15.26 -3.17 -33.50
CA GLN A 282 13.92 -2.64 -33.28
C GLN A 282 13.69 -2.37 -31.78
N SER A 283 12.77 -1.43 -31.47
CA SER A 283 12.43 -1.08 -30.09
C SER A 283 10.92 -0.98 -29.93
N PHE A 284 10.43 -0.74 -28.71
CA PHE A 284 8.97 -0.62 -28.58
C PHE A 284 8.42 0.61 -29.32
N LEU A 285 9.22 1.62 -29.61
CA LEU A 285 8.82 2.71 -30.52
C LEU A 285 8.29 2.16 -31.84
N ASP A 286 8.96 1.16 -32.39
CA ASP A 286 8.54 0.56 -33.65
C ASP A 286 7.18 -0.10 -33.46
N ALA A 287 6.92 -0.71 -32.28
CA ALA A 287 5.64 -1.34 -32.01
C ALA A 287 4.50 -0.33 -31.83
N ILE A 288 4.80 0.81 -31.19
CA ILE A 288 3.85 1.89 -30.99
C ILE A 288 3.43 2.46 -32.36
N ARG A 289 4.40 2.66 -33.25
CA ARG A 289 4.12 3.10 -34.61
C ARG A 289 3.27 2.07 -35.31
N ASN A 290 3.69 0.80 -35.22
CA ASN A 290 2.96 -0.25 -35.90
C ASN A 290 3.18 -1.61 -35.25
N LEU A 291 2.14 -2.08 -34.57
CA LEU A 291 2.23 -3.22 -33.70
C LEU A 291 2.73 -4.44 -34.47
N LYS A 292 2.14 -4.69 -35.65
CA LYS A 292 2.51 -5.88 -36.43
C LYS A 292 3.91 -5.81 -37.04
N SER A 293 4.64 -4.68 -36.87
CA SER A 293 5.93 -4.49 -37.50
C SER A 293 7.09 -5.11 -36.72
N VAL A 294 6.87 -5.59 -35.46
CA VAL A 294 7.99 -6.05 -34.64
C VAL A 294 7.80 -7.52 -34.43
N PRO A 295 8.81 -8.26 -33.92
CA PRO A 295 8.60 -9.67 -33.61
C PRO A 295 7.53 -9.94 -32.57
N SER A 296 7.06 -11.18 -32.62
CA SER A 296 5.96 -11.68 -31.83
C SER A 296 6.43 -12.77 -30.90
N PHE A 297 5.72 -12.87 -29.77
CA PHE A 297 5.57 -14.15 -29.09
C PHE A 297 4.61 -15.08 -29.84
N GLN A 298 5.10 -16.27 -30.20
CA GLN A 298 4.31 -17.18 -31.03
C GLN A 298 3.64 -18.23 -30.16
N ALA A 299 2.41 -17.95 -29.75
CA ALA A 299 1.64 -18.80 -28.86
C ALA A 299 0.92 -19.85 -29.70
N LYS A 300 0.47 -20.95 -29.06
CA LYS A 300 -0.40 -21.95 -29.67
C LYS A 300 -1.65 -21.27 -30.21
N ASP A 301 -2.10 -20.27 -29.48
CA ASP A 301 -3.24 -19.44 -29.77
C ASP A 301 -3.12 -18.71 -31.12
N GLY A 302 -1.90 -18.30 -31.52
CA GLY A 302 -1.72 -17.14 -32.39
C GLY A 302 -0.46 -16.32 -32.03
N ASN A 303 -0.23 -15.21 -32.74
CA ASN A 303 0.99 -14.43 -32.58
C ASN A 303 0.69 -13.16 -31.81
N TYR A 304 1.50 -12.85 -30.80
CA TYR A 304 1.29 -11.66 -30.00
C TYR A 304 2.51 -10.79 -30.11
N PRO A 305 2.39 -9.73 -30.90
CA PRO A 305 3.51 -8.84 -31.13
C PRO A 305 3.97 -8.05 -29.90
N ALA A 306 5.27 -7.74 -29.89
CA ALA A 306 5.93 -6.74 -29.06
C ALA A 306 6.14 -7.22 -27.60
N LEU A 307 5.70 -8.42 -27.23
CA LEU A 307 5.70 -8.84 -25.81
C LEU A 307 7.03 -9.42 -25.32
N ILE A 308 7.87 -9.97 -26.20
CA ILE A 308 9.10 -10.60 -25.77
C ILE A 308 10.29 -9.97 -26.48
N SER A 309 11.38 -9.85 -25.74
CA SER A 309 12.65 -9.47 -26.35
C SER A 309 13.14 -10.64 -27.21
N THR A 310 13.86 -10.33 -28.29
CA THR A 310 14.50 -11.32 -29.13
C THR A 310 15.86 -10.78 -29.48
N ASP A 311 16.55 -11.44 -30.43
CA ASP A 311 17.86 -11.01 -30.89
C ASP A 311 17.86 -9.59 -31.45
N ASP A 312 16.77 -9.16 -32.10
CA ASP A 312 16.72 -7.85 -32.77
C ASP A 312 15.56 -6.96 -32.31
N TYR A 313 15.00 -7.22 -31.12
CA TYR A 313 13.95 -6.39 -30.55
C TYR A 313 14.03 -6.43 -29.02
N GLU A 314 13.95 -5.25 -28.37
CA GLU A 314 13.81 -5.18 -26.93
C GLU A 314 12.39 -4.78 -26.57
N ALA A 315 11.79 -5.59 -25.69
CA ALA A 315 10.58 -5.22 -24.99
C ALA A 315 10.82 -4.02 -24.10
N PRO A 316 9.76 -3.19 -23.85
CA PRO A 316 9.90 -2.04 -22.98
C PRO A 316 10.19 -2.51 -21.54
N VAL A 317 10.99 -1.73 -20.81
CA VAL A 317 11.34 -2.01 -19.43
C VAL A 317 10.32 -1.31 -18.54
N GLU A 318 9.60 -2.09 -17.76
CA GLU A 318 8.66 -1.50 -16.82
C GLU A 318 9.35 -0.94 -15.60
N LEU A 319 9.05 0.32 -15.27
CA LEU A 319 9.51 0.86 -14.02
C LEU A 319 8.50 0.66 -12.89
N MET A 320 7.23 0.89 -13.14
CA MET A 320 6.23 0.89 -12.09
C MET A 320 4.90 0.50 -12.71
N ARG A 321 4.26 -0.43 -12.00
CA ARG A 321 2.92 -0.89 -12.25
C ARG A 321 2.00 -0.23 -11.21
N PHE A 322 0.98 0.52 -11.64
CA PHE A 322 0.04 1.11 -10.69
C PHE A 322 -1.38 1.04 -11.25
N PHE A 323 -2.35 1.26 -10.38
CA PHE A 323 -3.73 1.20 -10.80
C PHE A 323 -4.43 2.44 -10.27
N THR A 324 -5.21 3.09 -11.15
CA THR A 324 -5.91 4.30 -10.67
C THR A 324 -7.05 3.91 -9.74
N GLY A 325 -7.38 4.81 -8.83
CA GLY A 325 -8.66 4.72 -8.18
C GLY A 325 -9.82 4.94 -9.16
N PHE A 326 -11.06 4.69 -8.68
CA PHE A 326 -12.28 5.00 -9.43
C PHE A 326 -12.64 6.49 -9.30
N GLY A 327 -12.20 7.24 -10.31
CA GLY A 327 -12.56 8.65 -10.52
C GLY A 327 -12.01 9.66 -9.52
N VAL A 328 -10.71 9.57 -9.24
CA VAL A 328 -10.10 10.44 -8.25
C VAL A 328 -10.37 11.91 -8.60
N ARG A 329 -10.67 12.74 -7.58
CA ARG A 329 -10.93 14.18 -7.71
C ARG A 329 -12.23 14.47 -8.51
N LYS A 330 -12.32 13.98 -9.74
CA LYS A 330 -13.43 14.20 -10.61
C LYS A 330 -14.79 13.85 -9.99
N PHE A 331 -14.86 12.81 -9.13
CA PHE A 331 -16.14 12.38 -8.62
C PHE A 331 -16.23 12.62 -7.14
N ASN A 332 -15.55 13.64 -6.65
CA ASN A 332 -15.50 13.90 -5.22
C ASN A 332 -16.81 14.41 -4.63
N HIS A 333 -17.79 14.66 -5.48
CA HIS A 333 -19.10 15.14 -5.06
C HIS A 333 -19.97 13.96 -4.64
N ASN A 334 -19.62 12.73 -5.05
CA ASN A 334 -20.29 11.56 -4.46
C ASN A 334 -20.14 11.56 -2.95
N LYS A 335 -21.25 11.27 -2.29
CA LYS A 335 -21.35 11.26 -0.84
C LYS A 335 -21.40 9.79 -0.41
N VAL A 336 -20.48 9.43 0.48
CA VAL A 336 -20.53 8.12 1.09
C VAL A 336 -20.17 8.25 2.56
N LYS A 337 -21.15 8.00 3.42
CA LYS A 337 -20.95 8.32 4.82
C LYS A 337 -19.66 7.64 5.29
N GLY A 338 -18.86 8.42 5.98
CA GLY A 338 -17.63 7.93 6.57
C GLY A 338 -16.41 8.20 5.69
N GLN A 339 -16.63 8.48 4.41
CA GLN A 339 -15.55 8.63 3.46
C GLN A 339 -15.31 10.13 3.20
N HIS A 340 -14.03 10.48 3.07
CA HIS A 340 -13.53 11.81 2.73
C HIS A 340 -12.49 11.64 1.62
N TRP A 341 -12.84 12.01 0.40
CA TRP A 341 -12.05 11.62 -0.74
C TRP A 341 -10.78 12.45 -0.84
N VAL A 342 -9.76 11.83 -1.44
CA VAL A 342 -8.49 12.50 -1.73
C VAL A 342 -8.70 13.37 -2.97
N ASP A 343 -7.85 14.41 -3.08
CA ASP A 343 -7.78 15.28 -4.26
C ASP A 343 -6.84 14.74 -5.35
N SER A 344 -5.92 13.82 -5.04
CA SER A 344 -5.12 13.17 -6.06
C SER A 344 -4.44 11.96 -5.41
N VAL A 345 -3.87 11.05 -6.21
CA VAL A 345 -3.14 9.94 -5.67
C VAL A 345 -1.69 10.04 -6.10
N ILE A 346 -0.82 9.77 -5.17
CA ILE A 346 0.56 9.57 -5.54
C ILE A 346 1.04 8.13 -5.40
N TYR A 347 2.09 7.87 -6.20
CA TYR A 347 2.75 6.60 -6.31
C TYR A 347 4.28 6.84 -6.38
N LYS A 348 5.06 6.23 -5.48
CA LYS A 348 6.49 6.38 -5.49
C LYS A 348 7.20 5.03 -5.26
N SER A 349 8.03 4.62 -6.21
CA SER A 349 8.75 3.36 -6.14
C SER A 349 10.26 3.58 -6.31
N GLU A 350 11.08 2.79 -5.56
CA GLU A 350 12.52 2.73 -5.82
C GLU A 350 12.83 1.82 -7.03
N VAL A 351 13.60 2.34 -8.00
CA VAL A 351 13.87 1.63 -9.26
C VAL A 351 15.41 1.56 -9.46
N THR A 352 16.17 1.80 -8.39
CA THR A 352 17.63 1.77 -8.42
C THR A 352 18.19 0.59 -9.23
N PRO A 353 17.72 -0.65 -9.11
CA PRO A 353 18.29 -1.76 -9.90
C PRO A 353 18.17 -1.67 -11.42
N LEU A 354 17.35 -0.76 -11.92
CA LEU A 354 17.19 -0.47 -13.31
C LEU A 354 18.04 0.72 -13.72
N ALA A 355 18.99 1.13 -12.88
CA ALA A 355 19.84 2.27 -13.17
C ALA A 355 20.43 2.30 -14.59
N SER A 356 20.89 1.15 -15.07
CA SER A 356 21.53 1.08 -16.38
C SER A 356 20.55 1.44 -17.50
N GLN A 357 19.23 1.42 -17.25
CA GLN A 357 18.29 1.83 -18.26
C GLN A 357 17.87 3.29 -18.00
N LEU A 358 18.48 3.92 -16.99
CA LEU A 358 18.05 5.23 -16.54
C LEU A 358 19.20 6.23 -16.53
N GLN A 359 20.01 6.21 -17.59
CA GLN A 359 21.20 7.03 -17.75
C GLN A 359 21.22 7.55 -19.18
N GLY A 360 21.73 8.79 -19.39
CA GLY A 360 21.79 9.34 -20.73
C GLY A 360 20.43 9.79 -21.22
N GLU A 361 20.29 9.82 -22.53
CA GLU A 361 19.06 10.15 -23.21
C GLU A 361 18.19 8.92 -23.32
N VAL A 362 16.96 8.98 -22.78
CA VAL A 362 16.09 7.84 -22.63
C VAL A 362 14.66 8.22 -23.04
N TRP A 363 14.02 7.37 -23.84
CA TRP A 363 12.58 7.42 -24.07
C TRP A 363 11.82 6.85 -22.87
N ILE A 364 10.99 7.69 -22.25
CA ILE A 364 10.17 7.37 -21.08
C ILE A 364 8.72 7.46 -21.51
N GLY A 365 7.90 6.56 -20.97
CA GLY A 365 6.50 6.48 -21.29
C GLY A 365 5.69 6.30 -20.01
N ALA A 366 4.45 6.77 -20.12
CA ALA A 366 3.41 6.47 -19.14
C ALA A 366 2.14 6.04 -19.87
N TYR A 367 1.42 5.11 -19.27
CA TYR A 367 0.25 4.46 -19.83
C TYR A 367 -0.84 4.46 -18.78
N ILE A 368 -2.05 4.85 -19.17
CA ILE A 368 -3.24 4.53 -18.42
C ILE A 368 -4.30 4.13 -19.41
N GLY A 369 -4.62 2.85 -19.43
CA GLY A 369 -5.48 2.30 -20.44
C GLY A 369 -6.89 2.79 -20.15
N ASN A 370 -7.49 3.52 -21.09
CA ASN A 370 -8.85 3.97 -20.88
C ASN A 370 -9.51 4.36 -22.22
N TRP A 371 -10.83 4.54 -22.14
CA TRP A 371 -11.63 4.79 -23.32
C TRP A 371 -12.28 6.16 -23.29
N ASP A 372 -11.90 7.01 -22.33
CA ASP A 372 -12.62 8.23 -22.07
C ASP A 372 -12.01 9.34 -22.90
N ALA A 373 -12.84 10.30 -23.33
CA ALA A 373 -12.38 11.35 -24.22
C ALA A 373 -11.52 12.36 -23.44
N LYS A 374 -11.68 12.42 -22.12
CA LYS A 374 -10.94 13.38 -21.30
C LYS A 374 -9.92 12.65 -20.41
N GLY A 375 -10.32 11.48 -19.88
CA GLY A 375 -9.41 10.52 -19.28
C GLY A 375 -8.79 10.97 -17.96
N HIS A 376 -7.45 10.96 -17.93
CA HIS A 376 -6.70 11.23 -16.72
C HIS A 376 -5.65 12.28 -16.96
N ARG A 377 -5.22 12.86 -15.85
CA ARG A 377 -4.04 13.70 -15.83
C ARG A 377 -2.99 13.06 -14.94
N LEU A 378 -1.78 12.92 -15.49
CA LEU A 378 -0.67 12.23 -14.84
C LEU A 378 0.58 13.09 -14.86
N SER A 379 1.24 13.16 -13.72
CA SER A 379 2.57 13.69 -13.57
C SER A 379 3.56 12.55 -13.30
N LEU A 380 4.81 12.79 -13.68
CA LEU A 380 5.91 11.83 -13.55
C LEU A 380 7.21 12.61 -13.43
N LYS A 381 7.97 12.27 -12.39
CA LYS A 381 9.35 12.71 -12.20
C LYS A 381 10.26 11.52 -11.76
N LEU A 382 11.57 11.69 -11.97
CA LEU A 382 12.57 10.77 -11.52
C LEU A 382 13.43 11.55 -10.57
N LYS A 383 13.72 10.89 -9.46
CA LYS A 383 14.62 11.45 -8.47
C LYS A 383 15.84 10.56 -8.33
N TYR A 384 17.02 11.19 -8.34
CA TYR A 384 18.27 10.49 -8.08
C TYR A 384 18.87 11.08 -6.79
N TYR A 385 18.96 10.24 -5.76
CA TYR A 385 19.43 10.65 -4.45
C TYR A 385 20.84 10.17 -4.29
N PRO A 386 21.76 11.03 -3.79
CA PRO A 386 23.13 10.62 -3.54
C PRO A 386 23.14 9.39 -2.63
N ASP A 387 24.02 8.41 -2.89
CA ASP A 387 24.05 7.19 -2.07
C ASP A 387 25.49 6.75 -1.83
N ASP A 388 25.71 5.87 -0.86
CA ASP A 388 27.00 5.19 -0.74
C ASP A 388 27.39 4.53 -2.07
N GLU A 389 28.69 4.24 -2.20
CA GLU A 389 29.25 3.72 -3.43
C GLU A 389 28.28 2.66 -3.93
N ARG A 390 27.81 2.82 -5.15
CA ARG A 390 26.87 1.85 -5.67
C ARG A 390 27.08 1.76 -7.16
N ARG A 391 27.66 0.61 -7.54
CA ARG A 391 27.85 0.20 -8.91
C ARG A 391 26.50 0.20 -9.63
N VAL A 392 26.51 0.66 -10.89
CA VAL A 392 25.46 0.36 -11.85
C VAL A 392 25.71 -1.07 -12.33
N ASN A 393 24.67 -1.90 -12.20
CA ASN A 393 24.70 -3.29 -12.63
C ASN A 393 24.02 -3.29 -13.98
N LYS A 394 23.47 -4.40 -14.43
CA LYS A 394 22.82 -4.36 -15.72
C LYS A 394 21.37 -4.77 -15.54
N ALA A 395 20.53 -4.33 -16.48
CA ALA A 395 19.15 -4.67 -16.49
C ALA A 395 18.75 -4.86 -17.96
N MET A 396 18.30 -6.06 -18.28
CA MET A 396 17.98 -6.41 -19.64
C MET A 396 16.53 -6.81 -19.70
N PRO A 397 15.67 -6.18 -20.52
CA PRO A 397 14.27 -6.55 -20.54
C PRO A 397 14.11 -7.89 -21.23
N LEU A 398 13.24 -8.72 -20.69
CA LEU A 398 12.96 -10.03 -21.25
C LEU A 398 11.57 -10.03 -21.86
N PHE A 399 10.58 -9.49 -21.14
CA PHE A 399 9.20 -9.63 -21.59
C PHE A 399 8.37 -8.55 -20.94
N ASN A 400 7.21 -8.29 -21.54
CA ASN A 400 6.28 -7.33 -20.97
C ASN A 400 4.96 -7.52 -21.69
N THR A 401 3.98 -8.03 -20.98
CA THR A 401 2.66 -8.31 -21.54
C THR A 401 1.62 -7.27 -21.15
N VAL A 402 2.05 -6.13 -20.63
CA VAL A 402 1.09 -5.10 -20.32
C VAL A 402 0.47 -4.70 -21.66
N ASN A 403 -0.83 -4.42 -21.68
CA ASN A 403 -1.51 -4.11 -22.95
C ASN A 403 -1.46 -2.61 -23.19
N TYR A 404 -0.23 -2.16 -23.41
CA TYR A 404 0.05 -0.75 -23.59
C TYR A 404 -0.67 -0.18 -24.83
N LEU A 405 -1.01 -1.02 -25.82
CA LEU A 405 -1.58 -0.55 -27.09
C LEU A 405 -3.03 -1.01 -27.21
N GLU A 406 -3.66 -1.18 -26.06
CA GLU A 406 -5.07 -1.53 -25.99
C GLU A 406 -5.92 -0.58 -26.86
N GLN A 407 -5.63 0.72 -26.81
CA GLN A 407 -6.48 1.64 -27.54
C GLN A 407 -6.08 1.74 -29.01
N ALA A 408 -5.04 1.01 -29.46
CA ALA A 408 -4.65 0.88 -30.86
C ALA A 408 -4.83 -0.56 -31.35
N GLY A 409 -5.64 -1.36 -30.66
CA GLY A 409 -6.05 -2.67 -31.17
C GLY A 409 -5.17 -3.86 -30.76
N GLN A 410 -4.30 -3.68 -29.76
CA GLN A 410 -3.54 -4.78 -29.23
C GLN A 410 -4.44 -5.87 -28.65
N ALA A 411 -4.11 -7.12 -28.92
CA ALA A 411 -4.85 -8.21 -28.32
C ALA A 411 -4.60 -8.23 -26.82
N TYR A 412 -5.57 -8.76 -26.08
CA TYR A 412 -5.38 -9.01 -24.66
C TYR A 412 -4.47 -10.22 -24.51
N PRO A 413 -3.54 -10.25 -23.52
CA PRO A 413 -2.66 -11.40 -23.37
C PRO A 413 -3.38 -12.55 -22.72
N VAL A 414 -4.15 -13.31 -23.54
CA VAL A 414 -5.06 -14.33 -23.03
C VAL A 414 -4.50 -15.71 -23.32
N PHE A 415 -3.26 -15.75 -23.84
CA PHE A 415 -2.67 -16.99 -24.29
C PHE A 415 -2.29 -17.89 -23.13
N PHE A 416 -2.27 -17.37 -21.88
CA PHE A 416 -1.89 -18.20 -20.73
C PHE A 416 -2.87 -19.34 -20.51
N LEU A 417 -4.07 -19.20 -21.10
CA LEU A 417 -5.10 -20.22 -21.04
C LEU A 417 -4.54 -21.58 -21.48
N ASN A 418 -3.76 -21.63 -22.57
CA ASN A 418 -3.17 -22.88 -23.00
C ASN A 418 -1.67 -22.86 -23.16
N ASP A 419 -1.00 -21.74 -22.85
CA ASP A 419 0.41 -21.66 -23.20
C ASP A 419 1.14 -20.92 -22.08
N SER A 420 2.42 -21.19 -21.96
CA SER A 420 3.38 -20.43 -21.17
C SER A 420 3.99 -19.31 -21.99
N LEU A 421 4.41 -18.24 -21.33
CA LEU A 421 5.17 -17.23 -22.00
C LEU A 421 6.62 -17.71 -22.06
N ARG A 422 7.29 -17.65 -23.23
CA ARG A 422 8.62 -18.24 -23.35
C ARG A 422 9.54 -17.22 -24.00
N VAL A 423 10.74 -17.08 -23.42
CA VAL A 423 11.76 -16.19 -23.95
C VAL A 423 13.09 -16.92 -23.97
N ARG A 424 13.99 -16.40 -24.83
CA ARG A 424 15.36 -16.78 -24.84
C ARG A 424 16.19 -15.53 -24.66
N PHE A 425 17.31 -15.63 -23.97
CA PHE A 425 18.17 -14.48 -23.89
C PHE A 425 19.60 -14.95 -23.87
N THR A 426 20.53 -14.06 -24.27
CA THR A 426 21.95 -14.37 -24.33
C THR A 426 22.77 -13.51 -23.39
N LEU A 427 23.71 -14.10 -22.67
CA LEU A 427 24.66 -13.31 -21.91
C LEU A 427 26.03 -13.48 -22.56
N LYS A 428 26.82 -12.41 -22.64
CA LYS A 428 28.20 -12.46 -23.06
C LYS A 428 29.15 -12.91 -21.96
N GLU A 429 28.83 -12.62 -20.71
CA GLU A 429 29.68 -12.93 -19.58
C GLU A 429 28.85 -13.61 -18.53
N PRO A 430 29.45 -14.40 -17.64
CA PRO A 430 28.68 -15.02 -16.59
C PRO A 430 28.15 -13.89 -15.69
N ALA A 431 27.08 -14.16 -14.95
CA ALA A 431 26.47 -13.22 -14.03
C ALA A 431 26.20 -13.97 -12.74
N LYS A 432 26.71 -13.43 -11.65
CA LYS A 432 26.44 -13.97 -10.32
C LYS A 432 25.14 -13.40 -9.77
N ASN A 433 24.36 -14.23 -9.06
CA ASN A 433 23.27 -13.76 -8.22
C ASN A 433 22.32 -12.89 -9.03
N ALA A 434 21.97 -13.36 -10.21
CA ALA A 434 20.98 -12.74 -11.02
C ALA A 434 19.61 -12.88 -10.35
N ARG A 435 18.76 -11.92 -10.72
CA ARG A 435 17.39 -11.78 -10.24
C ARG A 435 16.52 -11.36 -11.41
N LEU A 436 15.27 -11.81 -11.35
CA LEU A 436 14.26 -11.31 -12.27
C LEU A 436 13.45 -10.28 -11.47
N PHE A 437 13.38 -9.08 -11.98
CA PHE A 437 12.46 -8.04 -11.55
C PHE A 437 11.10 -8.25 -12.24
N TYR A 438 10.14 -8.70 -11.45
CA TYR A 438 8.94 -9.31 -12.00
C TYR A 438 7.67 -8.63 -11.47
N LEU A 439 6.91 -8.05 -12.40
CA LEU A 439 5.65 -7.37 -12.09
C LEU A 439 4.51 -8.17 -12.69
N THR A 440 3.59 -8.63 -11.84
CA THR A 440 2.48 -9.45 -12.29
C THR A 440 1.17 -8.96 -11.69
N THR A 441 0.16 -8.81 -12.59
CA THR A 441 -1.22 -8.63 -12.13
C THR A 441 -2.13 -9.52 -12.96
N GLY A 442 -3.17 -9.99 -12.30
CA GLY A 442 -4.20 -10.82 -12.95
C GLY A 442 -5.47 -9.99 -13.24
N HIS A 443 -6.17 -10.33 -14.33
CA HIS A 443 -7.26 -9.47 -14.85
C HIS A 443 -8.41 -10.34 -15.37
N GLY A 444 -9.59 -9.72 -15.46
CA GLY A 444 -10.80 -10.48 -15.76
C GLY A 444 -11.82 -10.18 -14.68
N GLY A 445 -12.51 -9.07 -14.88
CA GLY A 445 -13.23 -8.34 -13.86
C GLY A 445 -14.63 -8.87 -13.61
N TRP A 446 -14.75 -10.19 -13.37
CA TRP A 446 -15.98 -10.75 -12.84
C TRP A 446 -15.64 -11.88 -11.88
N GLY A 447 -16.67 -12.46 -11.27
CA GLY A 447 -16.52 -13.34 -10.14
C GLY A 447 -15.71 -14.59 -10.44
N ASN A 448 -15.69 -15.01 -11.70
CA ASN A 448 -14.86 -16.17 -12.05
C ASN A 448 -13.70 -15.74 -12.92
N GLY A 449 -13.39 -14.44 -12.98
CA GLY A 449 -12.23 -14.00 -13.75
C GLY A 449 -11.00 -13.82 -12.85
N ASP A 450 -9.81 -13.73 -13.45
CA ASP A 450 -8.58 -13.79 -12.68
C ASP A 450 -8.28 -12.50 -11.89
N GLU A 451 -9.08 -11.45 -12.04
CA GLU A 451 -8.92 -10.27 -11.21
C GLU A 451 -9.20 -10.65 -9.76
N PHE A 452 -10.10 -11.63 -9.55
CA PHE A 452 -10.72 -11.83 -8.25
C PHE A 452 -10.53 -13.25 -7.76
N ASN A 453 -9.62 -14.01 -8.35
CA ASN A 453 -9.35 -15.37 -7.99
C ASN A 453 -7.84 -15.62 -7.97
N GLN A 454 -7.37 -16.29 -6.90
CA GLN A 454 -5.93 -16.61 -6.75
C GLN A 454 -5.47 -17.60 -7.80
N LYS A 455 -4.41 -17.30 -8.54
CA LYS A 455 -3.79 -18.23 -9.47
C LYS A 455 -2.30 -18.22 -9.24
N PRO A 456 -1.61 -19.37 -9.30
CA PRO A 456 -0.14 -19.29 -9.23
C PRO A 456 0.51 -18.70 -10.49
N ASN A 457 1.69 -18.12 -10.33
CA ASN A 457 2.62 -17.92 -11.42
C ASN A 457 3.85 -18.77 -11.17
N THR A 458 4.35 -19.53 -12.16
CA THR A 458 5.48 -20.43 -11.97
C THR A 458 6.51 -20.04 -13.00
N VAL A 459 7.75 -19.80 -12.53
CA VAL A 459 8.81 -19.32 -13.36
C VAL A 459 9.77 -20.47 -13.55
N TYR A 460 10.17 -20.70 -14.81
CA TYR A 460 11.14 -21.73 -15.19
C TYR A 460 12.34 -21.05 -15.82
N LEU A 461 13.52 -21.60 -15.54
CA LEU A 461 14.74 -21.17 -16.17
C LEU A 461 15.58 -22.38 -16.55
N ASP A 462 16.08 -22.42 -17.80
CA ASP A 462 17.01 -23.47 -18.24
C ASP A 462 16.57 -24.88 -17.77
N GLY A 463 15.29 -25.13 -18.06
CA GLY A 463 14.54 -26.34 -17.76
C GLY A 463 14.30 -26.66 -16.28
N LYS A 464 14.56 -25.73 -15.32
CA LYS A 464 14.26 -25.97 -13.91
C LYS A 464 13.19 -25.00 -13.39
N LYS A 465 12.32 -25.46 -12.50
CA LYS A 465 11.40 -24.60 -11.78
C LYS A 465 12.16 -23.67 -10.83
N VAL A 466 11.95 -22.37 -10.96
CA VAL A 466 12.56 -21.42 -10.07
C VAL A 466 11.63 -21.13 -8.89
N ILE A 467 10.34 -20.82 -9.14
CA ILE A 467 9.47 -20.44 -8.04
C ILE A 467 8.05 -20.55 -8.58
N SER A 468 7.16 -20.94 -7.70
CA SER A 468 5.73 -20.87 -7.90
C SER A 468 5.13 -20.02 -6.80
N PHE A 469 4.38 -18.96 -7.12
CA PHE A 469 3.75 -18.19 -6.05
C PHE A 469 2.44 -17.58 -6.50
N ILE A 470 1.61 -17.22 -5.53
CA ILE A 470 0.31 -16.65 -5.83
C ILE A 470 0.33 -15.13 -5.65
N PRO A 471 0.19 -14.33 -6.72
CA PRO A 471 0.03 -12.87 -6.62
C PRO A 471 -1.33 -12.44 -6.09
N TRP A 472 -1.36 -11.77 -4.94
CA TRP A 472 -2.61 -11.49 -4.27
C TRP A 472 -2.44 -10.27 -3.38
N ARG A 473 -3.49 -9.42 -3.36
CA ARG A 473 -3.56 -8.27 -2.45
C ARG A 473 -4.87 -8.34 -1.70
N ASP A 474 -4.85 -8.23 -0.39
CA ASP A 474 -6.07 -8.34 0.39
C ASP A 474 -6.22 -7.16 1.33
N ASP A 475 -5.57 -6.01 0.98
CA ASP A 475 -5.56 -4.81 1.78
C ASP A 475 -6.33 -3.67 1.11
N CYS A 476 -7.14 -3.97 0.10
CA CYS A 476 -7.66 -2.92 -0.80
C CYS A 476 -8.73 -2.02 -0.14
N GLY A 477 -9.40 -2.50 0.90
CA GLY A 477 -10.29 -1.67 1.69
C GLY A 477 -9.57 -0.48 2.33
N THR A 478 -8.23 -0.59 2.46
CA THR A 478 -7.45 0.51 3.01
C THR A 478 -7.60 1.79 2.17
N TYR A 479 -7.74 1.68 0.84
CA TYR A 479 -7.61 2.84 -0.05
C TYR A 479 -9.01 3.35 -0.50
N ARG A 480 -10.03 3.13 0.36
CA ARG A 480 -11.41 3.49 0.03
C ARG A 480 -11.54 4.97 -0.34
N ASN A 481 -10.82 5.82 0.37
CA ASN A 481 -10.90 7.23 0.13
C ASN A 481 -10.25 7.68 -1.16
N SER A 482 -9.60 6.74 -1.89
CA SER A 482 -9.06 7.02 -3.21
C SER A 482 -9.99 6.60 -4.32
N ASN A 483 -11.23 6.32 -3.97
CA ASN A 483 -12.07 5.65 -4.92
C ASN A 483 -13.53 6.18 -4.86
N PRO A 484 -13.76 7.50 -5.11
CA PRO A 484 -15.11 8.09 -5.02
C PRO A 484 -16.16 7.46 -5.94
N CYS A 485 -15.78 6.92 -7.10
CA CYS A 485 -16.74 6.36 -8.02
C CYS A 485 -16.73 4.82 -8.02
N SER A 486 -16.20 4.21 -6.97
CA SER A 486 -16.30 2.76 -6.82
C SER A 486 -17.75 2.38 -6.58
N GLY A 487 -18.22 1.33 -7.26
CA GLY A 487 -19.56 0.81 -7.10
C GLY A 487 -19.81 0.23 -5.72
N ASN A 488 -20.95 0.59 -5.10
CA ASN A 488 -21.29 0.19 -3.75
C ASN A 488 -22.30 -0.95 -3.83
N PHE A 489 -21.95 -2.12 -3.30
CA PHE A 489 -22.78 -3.31 -3.40
C PHE A 489 -23.82 -3.34 -2.27
N SER A 490 -24.83 -4.17 -2.49
CA SER A 490 -25.92 -4.30 -1.54
C SER A 490 -25.49 -5.18 -0.36
N ASN A 491 -24.30 -5.82 -0.44
CA ASN A 491 -23.73 -6.44 0.75
C ASN A 491 -22.81 -5.54 1.55
N GLY A 492 -22.66 -4.28 1.17
CA GLY A 492 -22.00 -3.35 2.05
C GLY A 492 -20.56 -3.03 1.60
N LEU A 493 -20.03 -3.82 0.67
CA LEU A 493 -18.67 -3.67 0.20
C LEU A 493 -18.71 -2.75 -0.99
N SER A 494 -17.56 -2.11 -1.29
CA SER A 494 -17.39 -1.29 -2.48
C SER A 494 -16.45 -2.05 -3.42
N SER A 495 -16.57 -1.84 -4.72
CA SER A 495 -15.73 -2.58 -5.66
C SER A 495 -14.24 -2.44 -5.27
N SER A 496 -13.83 -1.25 -4.79
CA SER A 496 -12.43 -0.91 -4.56
C SER A 496 -11.89 -1.71 -3.36
N ASP A 497 -12.80 -2.20 -2.54
CA ASP A 497 -12.47 -2.95 -1.33
C ASP A 497 -12.06 -4.39 -1.60
N LEU A 498 -12.42 -4.95 -2.73
CA LEU A 498 -12.22 -6.38 -2.92
C LEU A 498 -10.73 -6.74 -3.10
N SER A 499 -10.40 -7.94 -2.65
CA SER A 499 -9.09 -8.55 -2.79
C SER A 499 -8.95 -9.01 -4.23
N ARG A 500 -7.75 -8.83 -4.78
CA ARG A 500 -7.50 -8.99 -6.19
C ARG A 500 -6.13 -9.63 -6.42
N SER A 501 -5.89 -10.04 -7.64
CA SER A 501 -4.65 -10.67 -8.06
C SER A 501 -3.54 -9.62 -8.26
N ASN A 502 -3.10 -9.10 -7.13
CA ASN A 502 -1.83 -8.44 -6.92
C ASN A 502 -1.95 -6.94 -7.15
N TRP A 503 -3.17 -6.41 -7.06
CA TRP A 503 -3.32 -4.97 -7.20
C TRP A 503 -4.55 -4.46 -6.47
N CYS A 504 -4.49 -3.18 -6.12
CA CYS A 504 -5.61 -2.47 -5.52
C CYS A 504 -5.79 -1.17 -6.26
N PRO A 505 -7.04 -0.79 -6.65
CA PRO A 505 -7.32 0.54 -7.20
C PRO A 505 -6.80 1.64 -6.29
N GLY A 506 -5.93 2.49 -6.86
CA GLY A 506 -5.31 3.59 -6.16
C GLY A 506 -3.89 3.31 -5.61
N THR A 507 -3.30 2.13 -5.91
CA THR A 507 -2.01 1.80 -5.31
C THR A 507 -1.04 1.26 -6.34
N VAL A 508 0.23 1.18 -5.92
CA VAL A 508 1.30 0.57 -6.68
C VAL A 508 1.22 -0.93 -6.52
N THR A 509 1.51 -1.70 -7.57
CA THR A 509 1.78 -3.11 -7.42
C THR A 509 3.31 -3.31 -7.33
N THR A 510 3.80 -3.88 -6.25
CA THR A 510 5.24 -3.90 -6.05
C THR A 510 5.84 -5.09 -6.79
N PRO A 511 7.08 -4.96 -7.25
CA PRO A 511 7.75 -6.05 -7.95
C PRO A 511 8.15 -7.17 -7.00
N GLU A 512 8.17 -8.38 -7.54
CA GLU A 512 8.88 -9.51 -6.96
C GLU A 512 10.31 -9.51 -7.47
N TYR A 513 11.23 -9.82 -6.58
CA TYR A 513 12.61 -9.97 -6.92
C TYR A 513 12.89 -11.47 -6.82
N ILE A 514 12.94 -12.14 -7.98
CA ILE A 514 13.03 -13.57 -7.99
C ILE A 514 14.50 -13.96 -8.22
N TYR A 515 15.07 -14.64 -7.25
CA TYR A 515 16.46 -15.06 -7.32
C TYR A 515 16.65 -16.17 -8.37
N LEU A 516 17.55 -15.94 -9.34
CA LEU A 516 17.82 -16.93 -10.38
C LEU A 516 19.14 -17.67 -10.13
N GLY A 517 20.02 -17.17 -9.26
CA GLY A 517 21.34 -17.72 -9.07
C GLY A 517 22.33 -17.27 -10.14
N ASP A 518 23.44 -18.01 -10.24
CA ASP A 518 24.52 -17.61 -11.15
C ASP A 518 24.19 -18.17 -12.51
N LEU A 519 24.40 -17.39 -13.55
CA LEU A 519 24.05 -17.76 -14.90
C LEU A 519 25.36 -17.74 -15.71
N GLU A 520 25.53 -18.74 -16.56
CA GLU A 520 26.73 -18.87 -17.35
C GLU A 520 26.54 -18.04 -18.60
N ALA A 521 27.64 -17.68 -19.22
CA ALA A 521 27.57 -17.12 -20.56
C ALA A 521 26.88 -18.04 -21.55
N GLY A 522 26.23 -17.41 -22.53
CA GLY A 522 25.56 -18.12 -23.59
C GLY A 522 24.07 -17.89 -23.49
N GLU A 523 23.29 -18.72 -24.17
CA GLU A 523 21.87 -18.58 -24.23
C GLU A 523 21.19 -19.30 -23.07
N HIS A 524 20.02 -18.79 -22.71
CA HIS A 524 19.16 -19.28 -21.64
C HIS A 524 17.73 -19.22 -22.12
N THR A 525 16.90 -20.09 -21.54
CA THR A 525 15.45 -20.04 -21.71
C THR A 525 14.75 -19.75 -20.39
N LEU A 526 13.67 -19.00 -20.49
CA LEU A 526 12.87 -18.70 -19.33
C LEU A 526 11.41 -18.74 -19.71
N SER A 527 10.59 -19.29 -18.85
CA SER A 527 9.18 -19.28 -19.14
C SER A 527 8.36 -19.02 -17.89
N VAL A 528 7.12 -18.58 -18.11
CA VAL A 528 6.14 -18.31 -17.10
C VAL A 528 4.84 -19.05 -17.44
N ARG A 529 4.43 -19.89 -16.52
CA ARG A 529 3.16 -20.62 -16.62
C ARG A 529 2.15 -20.06 -15.64
N ILE A 530 0.93 -19.76 -16.15
CA ILE A 530 -0.13 -19.23 -15.31
C ILE A 530 -1.41 -19.98 -15.70
N PRO A 531 -2.09 -20.69 -14.79
CA PRO A 531 -3.33 -21.40 -15.15
C PRO A 531 -4.49 -20.41 -15.25
N GLN A 532 -4.46 -19.63 -16.31
CA GLN A 532 -5.44 -18.58 -16.50
C GLN A 532 -6.85 -19.17 -16.53
N GLY A 533 -7.86 -18.45 -15.98
CA GLY A 533 -9.26 -18.91 -15.94
C GLY A 533 -9.96 -18.78 -17.30
N ALA A 534 -10.96 -19.62 -17.55
CA ALA A 534 -11.64 -19.71 -18.86
C ALA A 534 -12.49 -18.47 -19.14
N PRO A 535 -12.73 -18.12 -20.43
CA PRO A 535 -13.66 -17.05 -20.79
C PRO A 535 -15.09 -17.32 -20.34
N GLU A 536 -15.89 -16.27 -20.30
CA GLU A 536 -17.27 -16.39 -19.92
C GLU A 536 -18.05 -15.19 -20.41
N GLY A 537 -19.14 -15.49 -21.15
CA GLY A 537 -20.01 -14.45 -21.66
C GLY A 537 -19.27 -13.52 -22.62
N GLY A 538 -18.27 -14.08 -23.32
CA GLY A 538 -17.45 -13.27 -24.19
C GLY A 538 -16.29 -12.59 -23.46
N SER A 539 -16.28 -12.62 -22.11
CA SER A 539 -15.26 -11.96 -21.32
C SER A 539 -14.05 -12.88 -21.13
N ASN A 540 -12.84 -12.30 -21.14
CA ASN A 540 -11.63 -13.07 -20.96
C ASN A 540 -10.89 -12.72 -19.66
N SER A 541 -10.23 -13.72 -19.05
CA SER A 541 -9.15 -13.40 -18.09
C SER A 541 -7.86 -13.12 -18.87
N TYR A 542 -6.90 -12.38 -18.26
CA TYR A 542 -5.59 -12.23 -18.87
C TYR A 542 -4.55 -11.75 -17.84
N TRP A 543 -3.26 -11.87 -18.18
CA TRP A 543 -2.25 -11.51 -17.20
C TRP A 543 -1.28 -10.50 -17.78
N CYS A 544 -0.97 -9.48 -16.98
CA CYS A 544 -0.02 -8.46 -17.33
C CYS A 544 1.26 -8.71 -16.53
N ILE A 545 2.22 -9.34 -17.19
CA ILE A 545 3.47 -9.69 -16.53
C ILE A 545 4.63 -9.05 -17.27
N SER A 546 5.56 -8.51 -16.52
CA SER A 546 6.80 -8.01 -17.07
C SER A 546 8.01 -8.52 -16.27
N GLY A 547 9.15 -8.68 -16.98
CA GLY A 547 10.33 -9.23 -16.35
C GLY A 547 11.58 -8.67 -16.99
N THR A 548 12.39 -8.04 -16.14
CA THR A 548 13.70 -7.53 -16.50
C THR A 548 14.75 -8.29 -15.70
N LEU A 549 15.84 -8.69 -16.38
CA LEU A 549 16.89 -9.44 -15.72
C LEU A 549 17.84 -8.43 -15.09
N LEU A 550 18.13 -8.65 -13.80
CA LEU A 550 19.08 -7.80 -13.08
C LEU A 550 20.34 -8.61 -12.83
N TYR A 551 21.48 -8.07 -13.29
CA TYR A 551 22.71 -8.82 -13.20
C TYR A 551 23.86 -7.78 -13.29
N LEU B 8 -50.26 -6.64 -28.69
CA LEU B 8 -50.13 -5.83 -27.45
C LEU B 8 -50.84 -4.49 -27.64
N GLN B 9 -50.50 -3.75 -28.69
CA GLN B 9 -51.47 -2.82 -29.24
C GLN B 9 -52.65 -3.72 -29.62
N LYS B 10 -53.80 -3.15 -30.00
CA LYS B 10 -55.06 -3.87 -29.90
C LYS B 10 -55.45 -3.91 -28.41
N LYS B 11 -54.72 -4.72 -27.63
CA LYS B 11 -55.21 -5.32 -26.39
C LYS B 11 -55.32 -4.32 -25.24
N VAL B 12 -54.67 -3.16 -25.36
CA VAL B 12 -54.53 -2.29 -24.21
C VAL B 12 -55.09 -0.90 -24.54
N LYS B 13 -55.79 -0.79 -25.67
CA LYS B 13 -56.71 0.33 -25.88
C LYS B 13 -57.76 0.27 -24.78
N ASN B 14 -57.92 1.39 -24.09
CA ASN B 14 -58.89 1.51 -23.01
C ASN B 14 -58.54 0.62 -21.83
N ALA B 15 -57.31 0.07 -21.74
CA ALA B 15 -56.87 -0.43 -20.44
C ALA B 15 -56.70 0.74 -19.47
N LYS B 16 -57.02 0.52 -18.21
CA LYS B 16 -56.92 1.53 -17.19
C LYS B 16 -55.53 1.46 -16.54
N GLY B 17 -54.70 0.51 -17.00
CA GLY B 17 -53.36 0.33 -16.48
C GLY B 17 -52.69 -0.83 -17.21
N ILE B 18 -51.36 -1.02 -16.95
CA ILE B 18 -50.64 -2.13 -17.53
C ILE B 18 -49.71 -2.71 -16.48
N GLU B 19 -49.37 -3.99 -16.71
CA GLU B 19 -48.33 -4.69 -15.96
C GLU B 19 -47.27 -5.03 -16.99
N VAL B 20 -46.02 -4.63 -16.74
CA VAL B 20 -44.93 -4.93 -17.66
C VAL B 20 -44.00 -5.81 -16.88
N ILE B 21 -43.61 -6.94 -17.49
CA ILE B 21 -42.58 -7.78 -16.90
C ILE B 21 -41.30 -7.47 -17.68
N TYR B 22 -40.25 -7.19 -16.91
CA TYR B 22 -38.97 -6.84 -17.49
C TYR B 22 -38.03 -7.98 -17.16
N GLN B 23 -37.36 -8.45 -18.23
CA GLN B 23 -36.23 -9.34 -18.02
C GLN B 23 -34.98 -8.55 -18.32
N SER B 24 -33.91 -8.99 -17.64
CA SER B 24 -32.57 -8.47 -17.86
C SER B 24 -31.68 -9.55 -18.50
N SER B 25 -30.66 -9.10 -19.22
CA SER B 25 -29.67 -9.99 -19.80
C SER B 25 -28.32 -9.29 -19.83
N TYR B 26 -27.29 -10.15 -19.67
CA TYR B 26 -25.87 -9.81 -19.58
C TYR B 26 -25.14 -10.61 -20.67
N LYS B 27 -24.70 -9.91 -21.73
CA LYS B 27 -23.86 -10.51 -22.76
C LYS B 27 -24.55 -11.74 -23.37
N GLY B 28 -25.86 -11.64 -23.59
CA GLY B 28 -26.66 -12.74 -24.10
C GLY B 28 -27.47 -13.47 -23.03
N LYS B 29 -26.92 -13.58 -21.81
CA LYS B 29 -27.43 -14.47 -20.77
C LYS B 29 -28.49 -13.80 -19.91
N ILE B 30 -29.70 -14.35 -20.04
CA ILE B 30 -30.86 -13.87 -19.32
C ILE B 30 -30.68 -14.16 -17.82
N ARG B 31 -30.74 -13.08 -17.03
CA ARG B 31 -30.45 -13.11 -15.60
C ARG B 31 -31.66 -13.72 -14.87
N PRO B 32 -31.50 -14.30 -13.66
CA PRO B 32 -32.62 -14.98 -13.00
C PRO B 32 -33.58 -13.95 -12.42
N GLY B 33 -34.86 -14.28 -12.24
CA GLY B 33 -35.81 -13.39 -11.59
C GLY B 33 -35.91 -12.03 -12.28
N GLN B 34 -37.00 -11.29 -12.05
CA GLN B 34 -37.35 -10.21 -12.96
C GLN B 34 -38.06 -9.08 -12.23
N ILE B 35 -38.40 -8.03 -12.98
CA ILE B 35 -39.05 -6.86 -12.39
C ILE B 35 -40.47 -6.78 -12.94
N LYS B 36 -41.43 -6.54 -12.04
CA LYS B 36 -42.82 -6.27 -12.41
C LYS B 36 -43.08 -4.77 -12.22
N MET B 37 -43.51 -4.14 -13.32
CA MET B 37 -43.83 -2.71 -13.30
C MET B 37 -45.34 -2.58 -13.46
N THR B 38 -46.00 -2.00 -12.47
CA THR B 38 -47.41 -1.68 -12.57
C THR B 38 -47.55 -0.20 -12.87
N VAL B 39 -48.27 0.08 -13.94
CA VAL B 39 -48.55 1.45 -14.36
C VAL B 39 -50.03 1.65 -14.35
N SER B 40 -50.44 2.76 -13.73
CA SER B 40 -51.82 3.21 -13.84
C SER B 40 -51.89 4.71 -13.67
N GLY B 41 -52.48 5.38 -14.69
CA GLY B 41 -52.59 6.81 -14.63
C GLY B 41 -51.20 7.40 -14.82
N ASN B 42 -50.78 8.22 -13.84
CA ASN B 42 -49.43 8.76 -13.89
C ASN B 42 -48.48 8.11 -12.88
N GLN B 43 -48.90 7.00 -12.24
CA GLN B 43 -48.12 6.40 -11.18
C GLN B 43 -47.54 5.06 -11.64
N VAL B 44 -46.35 4.75 -11.11
CA VAL B 44 -45.65 3.50 -11.42
C VAL B 44 -45.10 2.89 -10.14
N ALA B 45 -45.39 1.60 -9.96
CA ALA B 45 -44.84 0.78 -8.88
C ALA B 45 -43.98 -0.32 -9.50
N LEU B 46 -42.75 -0.49 -8.98
CA LEU B 46 -41.86 -1.58 -9.43
C LEU B 46 -41.47 -2.50 -8.26
N GLU B 47 -41.58 -3.81 -8.49
CA GLU B 47 -41.24 -4.81 -7.48
C GLU B 47 -40.55 -5.98 -8.18
N SER B 48 -39.73 -6.76 -7.45
CA SER B 48 -39.05 -7.90 -8.08
C SER B 48 -39.93 -9.12 -7.92
N VAL B 49 -40.07 -9.91 -8.98
CA VAL B 49 -41.01 -11.03 -9.03
C VAL B 49 -40.42 -12.16 -8.18
N SER B 50 -41.03 -12.42 -7.01
CA SER B 50 -40.44 -13.22 -5.93
C SER B 50 -38.91 -13.38 -6.14
N LYS B 66 -34.18 -11.19 6.67
CA LYS B 66 -32.77 -11.07 6.21
C LYS B 66 -32.70 -10.00 5.12
N GLN B 67 -33.43 -10.16 4.01
CA GLN B 67 -33.42 -9.21 2.90
C GLN B 67 -34.37 -8.05 3.16
N PRO B 68 -33.95 -6.77 3.06
CA PRO B 68 -34.91 -5.66 3.10
C PRO B 68 -35.78 -5.80 1.85
N VAL B 69 -37.01 -5.26 1.89
CA VAL B 69 -37.90 -5.31 0.71
C VAL B 69 -37.64 -4.06 -0.15
N ILE B 70 -37.34 -4.24 -1.44
CA ILE B 70 -37.01 -3.07 -2.24
C ILE B 70 -38.08 -2.82 -3.31
N LYS B 71 -38.52 -1.58 -3.39
CA LYS B 71 -39.47 -1.17 -4.42
C LYS B 71 -39.08 0.19 -4.97
N ASN B 72 -39.53 0.47 -6.18
CA ASN B 72 -39.28 1.76 -6.77
C ASN B 72 -40.62 2.30 -7.28
N TYR B 73 -40.76 3.63 -7.23
CA TYR B 73 -41.99 4.25 -7.73
C TYR B 73 -41.65 5.37 -8.70
N ILE B 74 -42.64 5.73 -9.52
CA ILE B 74 -42.57 6.96 -10.29
C ILE B 74 -43.91 7.68 -10.24
N ASP B 75 -43.83 8.99 -10.09
CA ASP B 75 -44.96 9.89 -10.23
C ASP B 75 -44.69 10.83 -11.39
N TYR B 76 -45.33 10.58 -12.53
CA TYR B 76 -45.12 11.40 -13.71
C TYR B 76 -45.90 12.71 -13.59
N ALA B 77 -46.85 12.82 -12.66
CA ALA B 77 -47.56 14.08 -12.42
C ALA B 77 -46.68 15.00 -11.62
N GLY B 78 -46.21 14.53 -10.45
CA GLY B 78 -45.26 15.28 -9.62
C GLY B 78 -43.85 15.31 -10.20
N ARG B 79 -43.58 14.47 -11.20
CA ARG B 79 -42.29 14.31 -11.87
C ARG B 79 -41.17 13.99 -10.87
N GLU B 80 -41.40 12.97 -10.05
CA GLU B 80 -40.39 12.44 -9.15
C GLU B 80 -40.33 10.94 -9.30
N ALA B 81 -39.12 10.40 -9.08
CA ALA B 81 -38.90 8.97 -9.01
C ALA B 81 -38.52 8.66 -7.56
N TYR B 82 -38.94 7.50 -7.05
CA TYR B 82 -38.74 7.17 -5.66
C TYR B 82 -38.08 5.80 -5.52
N LYS B 83 -37.16 5.73 -4.56
CA LYS B 83 -36.67 4.47 -4.02
C LYS B 83 -37.35 4.25 -2.68
N TRP B 84 -37.66 3.00 -2.38
CA TRP B 84 -38.40 2.68 -1.17
C TRP B 84 -37.94 1.31 -0.70
N ALA B 85 -37.87 1.17 0.62
CA ALA B 85 -37.44 -0.08 1.21
C ALA B 85 -38.01 -0.26 2.62
N GLU B 86 -38.31 -1.53 2.87
CA GLU B 86 -38.56 -2.04 4.20
C GLU B 86 -37.34 -2.81 4.69
N LEU B 87 -36.69 -2.28 5.73
CA LEU B 87 -35.48 -2.88 6.28
C LEU B 87 -35.86 -4.10 7.12
N PRO B 88 -35.01 -5.14 7.25
CA PRO B 88 -35.43 -6.39 7.89
C PRO B 88 -36.16 -6.12 9.22
N ASP B 89 -35.69 -5.08 9.93
CA ASP B 89 -36.17 -4.75 11.26
C ASP B 89 -37.42 -3.85 11.23
N GLY B 90 -38.23 -3.96 10.18
CA GLY B 90 -39.50 -3.22 10.11
C GLY B 90 -39.34 -1.71 9.88
N LYS B 91 -38.19 -1.25 9.37
CA LYS B 91 -38.03 0.17 9.11
C LYS B 91 -38.31 0.45 7.63
N ILE B 92 -39.08 1.51 7.39
CA ILE B 92 -39.42 1.95 6.05
C ILE B 92 -38.55 3.16 5.79
N ILE B 93 -37.81 3.11 4.67
CA ILE B 93 -37.10 4.30 4.22
C ILE B 93 -37.41 4.53 2.75
N SER B 94 -37.21 5.78 2.32
CA SER B 94 -37.41 6.09 0.92
C SER B 94 -36.61 7.32 0.54
N ALA B 95 -36.40 7.51 -0.77
CA ALA B 95 -35.70 8.69 -1.24
C ALA B 95 -36.33 9.16 -2.56
N ALA B 96 -36.47 10.48 -2.70
CA ALA B 96 -37.20 11.09 -3.82
C ALA B 96 -36.24 11.86 -4.70
N THR B 97 -36.24 11.56 -5.99
CA THR B 97 -35.42 12.32 -6.92
C THR B 97 -36.29 12.96 -8.00
N PRO B 98 -36.51 14.28 -7.99
CA PRO B 98 -37.19 14.96 -9.11
C PRO B 98 -36.43 14.74 -10.40
N PHE B 99 -37.18 14.69 -11.51
CA PHE B 99 -36.59 14.50 -12.80
C PHE B 99 -37.23 15.52 -13.73
N GLU B 100 -36.53 15.79 -14.82
CA GLU B 100 -37.16 16.40 -15.97
C GLU B 100 -37.18 15.39 -17.09
N PHE B 101 -38.28 15.41 -17.85
CA PHE B 101 -38.36 14.61 -19.06
C PHE B 101 -37.15 14.88 -19.95
N GLY B 102 -36.52 13.80 -20.41
CA GLY B 102 -35.53 13.91 -21.46
C GLY B 102 -34.15 14.41 -21.03
N LYS B 103 -33.89 14.53 -19.73
CA LYS B 103 -32.58 14.89 -19.21
C LYS B 103 -31.50 13.92 -19.66
N GLY B 104 -30.40 14.47 -20.15
CA GLY B 104 -29.26 13.68 -20.58
C GLY B 104 -29.49 13.04 -21.95
N PHE B 105 -30.71 13.23 -22.51
CA PHE B 105 -31.12 12.44 -23.66
C PHE B 105 -30.98 13.25 -24.96
N THR B 106 -30.49 12.58 -25.99
CA THR B 106 -30.35 13.13 -27.34
C THR B 106 -30.96 12.10 -28.30
N PRO B 107 -31.78 12.51 -29.31
CA PRO B 107 -32.30 11.53 -30.29
C PRO B 107 -31.20 10.63 -30.88
N ALA B 108 -31.49 9.32 -30.99
CA ALA B 108 -30.64 8.38 -31.69
C ALA B 108 -31.51 7.35 -32.46
N GLY B 109 -32.63 7.79 -33.04
CA GLY B 109 -33.28 7.09 -34.14
C GLY B 109 -34.57 6.34 -33.76
N GLU B 110 -34.93 5.34 -34.59
CA GLU B 110 -36.18 4.60 -34.50
C GLU B 110 -35.89 3.09 -34.31
N GLY B 111 -36.83 2.39 -33.65
CA GLY B 111 -36.81 0.93 -33.51
C GLY B 111 -38.20 0.38 -33.21
N LYS B 112 -38.24 -0.96 -33.07
CA LYS B 112 -39.45 -1.67 -32.71
C LYS B 112 -39.13 -2.59 -31.52
N HIS B 113 -40.06 -2.61 -30.56
CA HIS B 113 -40.03 -3.62 -29.52
C HIS B 113 -41.45 -4.07 -29.21
N LEU B 114 -41.58 -5.40 -29.08
CA LEU B 114 -42.85 -6.11 -29.00
C LEU B 114 -43.93 -5.35 -29.77
N GLY B 115 -43.63 -5.08 -31.04
CA GLY B 115 -44.64 -4.60 -32.00
C GLY B 115 -44.88 -3.10 -31.90
N LEU B 116 -44.18 -2.39 -30.99
CA LEU B 116 -44.44 -0.97 -30.72
C LEU B 116 -43.28 -0.14 -31.27
N ASN B 117 -43.65 1.04 -31.80
CA ASN B 117 -42.71 1.97 -32.41
C ASN B 117 -42.00 2.74 -31.29
N CYS B 118 -40.66 2.73 -31.33
CA CYS B 118 -39.85 3.31 -30.28
C CYS B 118 -39.03 4.48 -30.86
N LYS B 119 -39.02 5.63 -30.19
CA LYS B 119 -37.87 6.50 -30.35
C LYS B 119 -36.72 5.83 -29.57
N ILE B 120 -35.48 6.01 -30.00
CA ILE B 120 -34.32 5.65 -29.17
C ILE B 120 -33.59 6.94 -28.76
N ALA B 121 -33.32 7.13 -27.46
CA ALA B 121 -32.56 8.27 -26.99
C ALA B 121 -31.21 7.78 -26.41
N ARG B 122 -30.15 8.60 -26.49
CA ARG B 122 -28.86 8.26 -25.93
C ARG B 122 -28.48 9.29 -24.85
N THR B 123 -27.66 8.80 -23.89
CA THR B 123 -27.08 9.56 -22.79
C THR B 123 -25.87 8.78 -22.26
N SER B 124 -24.98 9.46 -21.51
CA SER B 124 -23.84 8.79 -20.91
C SER B 124 -23.75 9.16 -19.42
N ILE B 125 -23.32 8.21 -18.57
CA ILE B 125 -23.40 8.32 -17.11
C ILE B 125 -22.19 7.62 -16.49
N ASN B 126 -21.29 8.39 -15.86
CA ASN B 126 -20.16 7.81 -15.15
C ASN B 126 -19.35 6.90 -16.08
N SER B 127 -19.10 7.33 -17.34
CA SER B 127 -18.34 6.63 -18.38
C SER B 127 -19.23 5.87 -19.37
N ASN B 128 -20.44 5.48 -18.96
CA ASN B 128 -21.20 4.46 -19.69
C ASN B 128 -22.15 5.08 -20.71
N THR B 129 -22.26 4.34 -21.82
CA THR B 129 -23.22 4.56 -22.87
C THR B 129 -24.57 3.99 -22.46
N ILE B 130 -25.63 4.76 -22.64
CA ILE B 130 -26.94 4.22 -22.38
C ILE B 130 -27.87 4.70 -23.47
N GLU B 131 -28.62 3.73 -24.04
CA GLU B 131 -29.73 3.95 -24.95
C GLU B 131 -31.01 3.36 -24.35
N VAL B 132 -32.10 4.10 -24.61
CA VAL B 132 -33.37 3.89 -23.97
C VAL B 132 -34.43 3.95 -25.08
N TRP B 133 -35.11 2.80 -25.26
CA TRP B 133 -36.16 2.63 -26.26
C TRP B 133 -37.50 2.95 -25.61
N TYR B 134 -38.29 3.84 -26.22
CA TYR B 134 -39.53 4.22 -25.56
C TYR B 134 -40.64 4.54 -26.56
N THR B 135 -41.83 3.98 -26.29
CA THR B 135 -42.95 4.10 -27.21
C THR B 135 -43.87 5.19 -26.74
N HIS B 136 -44.48 5.91 -27.70
CA HIS B 136 -45.75 6.61 -27.41
C HIS B 136 -46.94 5.90 -28.04
N ASP B 137 -46.78 4.66 -28.54
CA ASP B 137 -47.84 3.97 -29.26
C ASP B 137 -49.06 3.66 -28.40
N ILE B 138 -48.82 3.55 -27.09
CA ILE B 138 -49.86 3.22 -26.14
C ILE B 138 -49.75 4.21 -25.00
N PRO B 139 -50.85 4.71 -24.43
CA PRO B 139 -50.78 5.82 -23.48
C PRO B 139 -50.45 5.36 -22.08
N PHE B 140 -49.20 4.89 -21.90
CA PHE B 140 -48.67 4.50 -20.61
C PHE B 140 -47.23 4.96 -20.51
N ARG B 141 -46.84 5.50 -19.35
CA ARG B 141 -45.47 5.88 -19.15
C ARG B 141 -44.92 5.10 -17.97
N GLY B 142 -43.62 4.78 -18.06
CA GLY B 142 -42.90 4.07 -17.03
C GLY B 142 -41.50 3.69 -17.49
N THR B 143 -40.63 3.37 -16.54
CA THR B 143 -39.29 2.90 -16.85
C THR B 143 -38.83 2.09 -15.65
N PRO B 144 -38.10 0.99 -15.88
CA PRO B 144 -37.54 0.21 -14.78
C PRO B 144 -36.28 0.84 -14.20
N GLN B 145 -35.77 1.92 -14.82
CA GLN B 145 -34.47 2.49 -14.47
C GLN B 145 -34.50 4.01 -14.56
N ALA B 146 -35.23 4.63 -13.63
CA ALA B 146 -35.45 6.06 -13.72
C ALA B 146 -34.12 6.81 -13.56
N ASN B 147 -33.13 6.21 -12.89
CA ASN B 147 -31.88 6.88 -12.58
C ASN B 147 -31.01 7.09 -13.82
N VAL B 148 -31.31 6.44 -14.97
CA VAL B 148 -30.55 6.67 -16.19
C VAL B 148 -31.24 7.74 -17.01
N GLY B 149 -32.39 8.23 -16.52
CA GLY B 149 -33.18 9.26 -17.18
C GLY B 149 -34.57 8.76 -17.58
N VAL B 150 -35.54 9.69 -17.62
CA VAL B 150 -36.95 9.37 -17.79
C VAL B 150 -37.46 10.04 -19.08
N PRO B 151 -37.71 9.28 -20.15
CA PRO B 151 -38.35 9.86 -21.33
C PRO B 151 -39.85 10.03 -21.11
N ASP B 152 -40.48 10.90 -21.93
CA ASP B 152 -41.92 11.11 -21.86
C ASP B 152 -42.60 10.01 -22.69
N GLY B 153 -42.38 8.77 -22.29
CA GLY B 153 -43.17 7.64 -22.76
C GLY B 153 -43.00 6.42 -21.88
N LEU B 154 -43.33 5.28 -22.45
CA LEU B 154 -43.13 3.99 -21.80
C LEU B 154 -41.82 3.42 -22.30
N VAL B 155 -40.91 3.09 -21.36
CA VAL B 155 -39.62 2.53 -21.69
C VAL B 155 -39.75 1.04 -21.78
N LEU B 156 -39.45 0.56 -23.00
CA LEU B 156 -39.45 -0.85 -23.32
C LEU B 156 -38.06 -1.48 -23.20
N LYS B 157 -36.96 -0.71 -23.37
CA LYS B 157 -35.62 -1.30 -23.36
C LYS B 157 -34.54 -0.27 -22.97
N VAL B 158 -33.63 -0.73 -22.09
CA VAL B 158 -32.52 0.07 -21.57
C VAL B 158 -31.26 -0.72 -21.88
N VAL B 159 -30.34 -0.06 -22.63
CA VAL B 159 -29.13 -0.64 -23.21
C VAL B 159 -27.93 0.16 -22.71
N ARG B 160 -27.16 -0.48 -21.82
CA ARG B 160 -26.04 0.13 -21.13
C ARG B 160 -24.76 -0.49 -21.69
N ASN B 161 -23.90 0.34 -22.30
CA ASN B 161 -22.71 -0.12 -23.00
C ASN B 161 -23.04 -1.25 -23.97
N GLY B 162 -24.15 -1.08 -24.72
CA GLY B 162 -24.53 -1.99 -25.79
C GLY B 162 -24.91 -3.42 -25.34
N ASP B 163 -24.77 -3.72 -24.05
CA ASP B 163 -24.41 -5.04 -23.57
C ASP B 163 -25.28 -5.48 -22.38
N MET B 164 -25.49 -4.54 -21.43
CA MET B 164 -26.38 -4.64 -20.28
C MET B 164 -27.81 -4.25 -20.73
N ILE B 165 -28.72 -5.24 -20.75
CA ILE B 165 -30.04 -4.99 -21.33
C ILE B 165 -31.14 -5.37 -20.35
N GLN B 166 -32.07 -4.43 -20.17
CA GLN B 166 -33.35 -4.70 -19.54
C GLN B 166 -34.41 -4.36 -20.58
N GLU B 167 -35.25 -5.38 -20.86
CA GLU B 167 -36.29 -5.26 -21.86
C GLU B 167 -37.61 -5.86 -21.37
N ALA B 168 -38.69 -5.30 -21.93
CA ALA B 168 -40.04 -5.76 -21.63
C ALA B 168 -40.23 -7.13 -22.29
N SER B 169 -40.57 -8.15 -21.48
CA SER B 169 -41.01 -9.43 -22.02
C SER B 169 -42.53 -9.49 -22.24
N ALA B 170 -43.33 -9.16 -21.20
CA ALA B 170 -44.78 -9.13 -21.32
C ALA B 170 -45.35 -7.74 -20.99
N ILE B 171 -46.40 -7.32 -21.72
CA ILE B 171 -47.27 -6.23 -21.30
C ILE B 171 -48.71 -6.74 -21.18
N THR B 172 -49.30 -6.60 -20.00
CA THR B 172 -50.65 -7.05 -19.73
C THR B 172 -51.58 -5.92 -19.28
N PRO B 173 -52.80 -5.80 -19.86
CA PRO B 173 -53.73 -4.75 -19.46
C PRO B 173 -54.37 -4.92 -18.09
N LEU B 174 -54.73 -3.83 -17.43
CA LEU B 174 -55.55 -3.90 -16.24
C LEU B 174 -56.86 -3.25 -16.61
N LYS B 175 -57.99 -3.92 -16.33
CA LYS B 175 -59.30 -3.39 -16.67
C LYS B 175 -59.71 -2.33 -15.65
N LYS B 176 -58.99 -2.20 -14.53
CA LYS B 176 -59.39 -1.23 -13.53
C LYS B 176 -58.20 -0.35 -13.17
N ALA B 177 -58.48 0.93 -12.93
CA ALA B 177 -57.49 1.85 -12.38
C ALA B 177 -57.12 1.48 -10.94
N GLN B 178 -55.88 1.78 -10.59
CA GLN B 178 -55.45 1.73 -9.21
C GLN B 178 -54.57 2.94 -8.88
N ALA B 179 -54.36 3.11 -7.58
CA ALA B 179 -53.43 4.10 -7.06
C ALA B 179 -52.20 3.34 -6.55
N LEU B 180 -50.97 3.73 -6.96
CA LEU B 180 -49.79 2.84 -6.87
C LEU B 180 -48.67 3.32 -5.92
N LEU B 181 -48.61 4.61 -5.59
CA LEU B 181 -47.66 5.09 -4.63
C LEU B 181 -47.89 4.39 -3.30
N PRO B 182 -46.91 4.27 -2.37
CA PRO B 182 -47.09 3.49 -1.15
C PRO B 182 -47.82 4.27 -0.06
N ASP B 183 -48.33 3.52 0.93
CA ASP B 183 -49.08 4.07 2.05
C ASP B 183 -48.20 5.03 2.84
N SER B 184 -47.01 4.55 3.21
CA SER B 184 -46.04 5.34 3.94
C SER B 184 -44.77 5.50 3.09
N TRP B 185 -44.14 6.68 3.16
CA TRP B 185 -42.78 6.88 2.69
C TRP B 185 -41.73 6.55 3.77
N GLY B 186 -42.19 6.20 4.99
CA GLY B 186 -41.33 6.02 6.15
C GLY B 186 -40.33 7.17 6.30
N GLU B 187 -39.06 6.84 6.55
CA GLU B 187 -38.11 7.93 6.74
C GLU B 187 -37.53 8.36 5.40
N LYS B 188 -37.67 9.67 5.11
CA LYS B 188 -37.29 10.24 3.84
C LYS B 188 -35.86 10.72 3.92
N MET B 189 -35.06 10.28 2.94
CA MET B 189 -33.64 10.55 2.91
C MET B 189 -33.28 11.11 1.54
N ASP B 190 -32.11 11.74 1.43
CA ASP B 190 -31.43 11.95 0.17
C ASP B 190 -30.96 10.60 -0.39
N ALA B 191 -30.73 10.52 -1.69
CA ALA B 191 -30.44 9.26 -2.36
C ALA B 191 -29.22 8.55 -1.76
N ALA B 192 -28.23 9.32 -1.41
CA ALA B 192 -26.96 8.74 -0.94
C ALA B 192 -27.15 8.11 0.44
N ASP B 193 -27.96 8.75 1.29
CA ASP B 193 -28.25 8.27 2.64
C ASP B 193 -29.14 7.04 2.53
N TYR B 194 -30.03 7.02 1.52
CA TYR B 194 -30.82 5.81 1.29
C TYR B 194 -29.88 4.64 0.95
N GLN B 195 -28.94 4.88 0.04
CA GLN B 195 -28.17 3.78 -0.54
C GLN B 195 -27.25 3.21 0.53
N TYR B 196 -26.66 4.07 1.31
CA TYR B 196 -25.80 3.64 2.39
C TYR B 196 -26.62 2.85 3.42
N THR B 197 -27.83 3.34 3.77
CA THR B 197 -28.64 2.63 4.73
C THR B 197 -28.98 1.23 4.22
N ILE B 198 -29.48 1.07 2.96
CA ILE B 198 -29.84 -0.28 2.55
C ILE B 198 -28.59 -1.16 2.41
N ASN B 199 -27.51 -0.56 1.92
CA ASN B 199 -26.30 -1.29 1.61
C ASN B 199 -25.68 -1.89 2.87
N GLN B 200 -25.73 -1.18 4.01
CA GLN B 200 -25.15 -1.66 5.25
C GLN B 200 -26.15 -2.50 6.05
N SER B 201 -27.37 -2.73 5.54
CA SER B 201 -28.39 -3.47 6.27
C SER B 201 -27.96 -4.85 6.72
N GLY B 202 -27.38 -5.65 5.83
CA GLY B 202 -26.96 -6.99 6.16
C GLY B 202 -25.51 -7.09 6.71
N VAL B 203 -24.89 -5.97 7.07
CA VAL B 203 -23.48 -5.96 7.45
C VAL B 203 -23.43 -6.08 8.95
N ILE B 204 -22.68 -7.04 9.45
CA ILE B 204 -22.40 -7.10 10.88
C ILE B 204 -21.08 -6.39 11.16
N THR B 205 -21.10 -5.44 12.07
CA THR B 205 -19.96 -4.69 12.52
C THR B 205 -19.78 -4.97 14.00
N ILE B 206 -18.65 -5.53 14.37
CA ILE B 206 -18.30 -5.68 15.76
C ILE B 206 -17.24 -4.65 16.11
N PRO B 207 -17.60 -3.62 16.90
CA PRO B 207 -16.63 -2.65 17.41
C PRO B 207 -15.83 -3.39 18.46
N VAL B 208 -14.51 -3.20 18.53
CA VAL B 208 -13.69 -3.91 19.47
C VAL B 208 -13.02 -2.90 20.37
N PHE B 209 -12.22 -2.02 19.75
CA PHE B 209 -11.52 -0.96 20.44
C PHE B 209 -11.83 0.38 19.79
N ASP B 210 -11.93 1.43 20.62
CA ASP B 210 -12.19 2.79 20.14
C ASP B 210 -11.18 3.76 20.72
N GLN B 211 -10.16 4.15 19.93
CA GLN B 211 -9.12 5.07 20.39
C GLN B 211 -8.58 4.68 21.74
N GLN B 212 -8.22 3.40 21.85
CA GLN B 212 -7.65 2.85 23.06
C GLN B 212 -6.13 3.04 23.08
N THR B 213 -5.63 3.36 24.26
CA THR B 213 -4.24 3.67 24.50
C THR B 213 -3.44 2.38 24.46
N ILE B 214 -2.32 2.38 23.74
CA ILE B 214 -1.36 1.29 23.75
C ILE B 214 -0.01 1.91 24.10
N CYS B 215 0.51 1.61 25.29
CA CYS B 215 1.71 2.33 25.74
C CYS B 215 2.49 1.45 26.71
N PHE B 216 3.66 1.91 27.09
CA PHE B 216 4.46 1.20 28.07
C PHE B 216 4.17 1.76 29.46
N ASN B 217 3.42 1.02 30.26
CA ASN B 217 3.10 1.38 31.63
C ASN B 217 3.15 0.14 32.54
N ASN B 218 3.95 -0.86 32.21
CA ASN B 218 4.12 -2.03 33.08
C ASN B 218 2.81 -2.78 33.40
N ALA B 219 1.70 -2.50 32.71
CA ALA B 219 0.44 -3.18 32.97
C ALA B 219 0.59 -4.70 32.90
N LYS B 220 -0.19 -5.41 33.74
CA LYS B 220 -0.16 -6.85 33.87
C LYS B 220 -1.56 -7.38 33.72
N LEU B 221 -1.70 -8.58 33.17
CA LEU B 221 -3.01 -9.16 32.88
C LEU B 221 -3.69 -9.55 34.20
N PRO B 222 -4.89 -9.01 34.53
CA PRO B 222 -5.65 -9.46 35.70
C PRO B 222 -5.96 -10.95 35.76
N ASP B 223 -6.48 -11.38 36.92
CA ASP B 223 -6.85 -12.76 37.17
C ASP B 223 -8.32 -12.94 36.90
N THR B 224 -9.04 -11.84 36.70
CA THR B 224 -10.47 -11.95 36.49
C THR B 224 -10.79 -11.24 35.19
N LEU B 225 -11.35 -11.95 34.20
CA LEU B 225 -11.44 -11.44 32.84
C LEU B 225 -12.85 -11.64 32.35
N GLU B 226 -13.58 -10.53 32.29
CA GLU B 226 -14.97 -10.56 31.93
C GLU B 226 -15.09 -10.30 30.43
N ASP B 227 -16.23 -10.72 29.86
CA ASP B 227 -16.56 -10.48 28.47
C ASP B 227 -16.77 -8.99 28.21
N GLY B 228 -16.37 -8.55 27.02
CA GLY B 228 -16.73 -7.25 26.49
C GLY B 228 -16.00 -6.11 27.19
N ILE B 229 -14.91 -6.38 27.91
CA ILE B 229 -14.09 -5.36 28.54
C ILE B 229 -12.66 -5.36 27.97
N THR B 230 -11.98 -4.20 27.95
CA THR B 230 -10.63 -4.09 27.46
C THR B 230 -9.64 -4.29 28.58
N TYR B 231 -8.67 -5.18 28.39
CA TYR B 231 -7.60 -5.37 29.36
C TYR B 231 -6.26 -5.05 28.70
N SER B 232 -5.35 -4.46 29.47
CA SER B 232 -4.01 -4.11 29.05
C SER B 232 -3.05 -5.16 29.59
N ALA B 233 -2.01 -5.51 28.82
CA ALA B 233 -1.12 -6.55 29.29
C ALA B 233 0.21 -6.44 28.56
N GLY B 234 1.14 -7.34 28.86
CA GLY B 234 2.46 -7.32 28.30
C GLY B 234 3.16 -5.97 28.44
N GLY B 235 2.88 -5.26 29.55
CA GLY B 235 3.57 -4.01 29.85
C GLY B 235 2.84 -2.78 29.31
N GLY B 236 1.63 -3.00 28.80
CA GLY B 236 0.72 -1.98 28.31
C GLY B 236 0.54 -2.02 26.78
N THR B 237 1.50 -2.67 26.08
CA THR B 237 1.52 -2.62 24.63
C THR B 237 0.62 -3.68 24.00
N LEU B 238 -0.04 -4.53 24.79
CA LEU B 238 -1.13 -5.38 24.30
C LEU B 238 -2.44 -4.97 24.93
N ILE B 239 -3.48 -4.88 24.12
CA ILE B 239 -4.82 -4.66 24.61
C ILE B 239 -5.63 -5.85 24.13
N LEU B 240 -6.48 -6.39 25.01
CA LEU B 240 -7.22 -7.63 24.74
C LEU B 240 -8.68 -7.43 25.06
N LYS B 241 -9.52 -8.05 24.27
CA LYS B 241 -10.92 -8.10 24.62
C LYS B 241 -11.55 -9.40 24.15
N LYS B 242 -12.40 -9.94 25.05
CA LYS B 242 -13.21 -11.05 24.67
C LYS B 242 -14.53 -10.55 24.18
N VAL B 243 -14.82 -10.93 22.92
CA VAL B 243 -15.85 -10.34 22.12
C VAL B 243 -16.69 -11.49 21.60
N LYS B 244 -17.96 -11.16 21.41
CA LYS B 244 -18.97 -12.05 20.92
C LYS B 244 -19.05 -11.83 19.46
N LEU B 245 -18.63 -12.84 18.72
CA LEU B 245 -18.55 -12.77 17.30
C LEU B 245 -19.73 -13.58 16.85
N PRO B 246 -20.16 -13.45 15.59
CA PRO B 246 -21.20 -14.32 15.09
C PRO B 246 -20.90 -15.76 15.41
N GLU B 247 -21.98 -16.51 15.67
CA GLU B 247 -21.89 -17.91 16.02
C GLU B 247 -21.25 -18.68 14.87
N SER B 248 -21.68 -18.39 13.64
CA SER B 248 -21.08 -18.90 12.44
C SER B 248 -20.75 -17.75 11.47
N ALA B 249 -19.60 -17.85 10.80
CA ALA B 249 -19.15 -16.88 9.83
C ALA B 249 -19.35 -17.41 8.42
N LYS B 250 -20.10 -18.51 8.30
CA LYS B 250 -20.47 -18.99 6.98
C LYS B 250 -21.08 -17.86 6.17
N ASN B 251 -20.92 -17.93 4.84
CA ASN B 251 -21.51 -17.03 3.86
C ASN B 251 -21.22 -15.56 4.20
N ARG B 252 -19.99 -15.29 4.67
CA ARG B 252 -19.53 -13.92 4.85
C ARG B 252 -18.13 -13.72 4.28
N SER B 253 -17.83 -12.50 3.85
CA SER B 253 -16.44 -12.07 3.78
C SER B 253 -16.17 -11.16 4.97
N ILE B 254 -14.94 -11.23 5.51
CA ILE B 254 -14.61 -10.71 6.81
C ILE B 254 -13.38 -9.78 6.68
N PHE B 255 -13.53 -8.56 7.19
CA PHE B 255 -12.46 -7.57 7.17
C PHE B 255 -12.22 -7.05 8.56
N VAL B 256 -10.93 -6.80 8.83
CA VAL B 256 -10.41 -6.13 9.99
C VAL B 256 -10.11 -4.67 9.59
N GLU B 257 -10.58 -3.72 10.39
CA GLU B 257 -10.37 -2.31 10.16
C GLU B 257 -9.72 -1.74 11.42
N VAL B 258 -8.51 -1.16 11.26
CA VAL B 258 -7.78 -0.48 12.31
C VAL B 258 -7.66 1.00 11.95
N ALA B 259 -7.63 1.87 12.97
CA ALA B 259 -7.33 3.29 12.77
C ALA B 259 -6.37 3.61 13.88
N GLN B 260 -5.30 4.38 13.59
CA GLN B 260 -4.24 4.64 14.53
C GLN B 260 -3.74 6.07 14.39
N TYR B 261 -3.19 6.59 15.47
CA TYR B 261 -2.41 7.81 15.53
C TYR B 261 -1.56 7.70 16.78
N SER B 262 -0.45 8.47 16.83
CA SER B 262 0.42 8.57 17.99
C SER B 262 -0.22 9.52 18.99
N ASP B 263 -0.06 9.18 20.25
CA ASP B 263 -0.42 10.00 21.36
C ASP B 263 0.85 10.52 22.02
N GLY B 264 2.02 10.32 21.42
CA GLY B 264 3.27 10.75 22.02
C GLY B 264 4.49 10.12 21.35
N ASP B 265 4.36 8.89 20.83
CA ASP B 265 5.50 8.11 20.32
C ASP B 265 5.85 8.64 18.93
N ALA B 266 7.14 8.90 18.67
CA ALA B 266 7.53 9.47 17.40
C ALA B 266 7.87 8.38 16.35
N TYR B 267 8.00 7.10 16.74
CA TYR B 267 8.64 6.09 15.91
C TYR B 267 7.67 5.20 15.12
N ASP B 268 8.23 4.54 14.10
CA ASP B 268 7.57 3.52 13.29
C ASP B 268 7.57 2.21 14.03
N ARG B 269 6.42 1.74 14.51
CA ARG B 269 6.38 0.59 15.39
C ARG B 269 5.73 -0.58 14.68
N THR B 270 6.13 -1.78 15.12
CA THR B 270 5.48 -3.05 14.75
C THR B 270 4.10 -3.15 15.38
N GLY B 271 3.09 -3.39 14.54
CA GLY B 271 1.70 -3.52 14.93
C GLY B 271 1.17 -4.86 14.47
N SER B 272 0.26 -5.40 15.25
CA SER B 272 -0.34 -6.67 14.91
C SER B 272 -1.72 -6.76 15.54
N VAL B 273 -2.67 -7.26 14.78
CA VAL B 273 -3.96 -7.66 15.31
C VAL B 273 -4.01 -9.19 15.28
N PHE B 274 -4.39 -9.80 16.41
CA PHE B 274 -4.34 -11.24 16.60
C PHE B 274 -5.58 -11.74 17.33
N VAL B 275 -5.84 -13.04 17.23
CA VAL B 275 -6.83 -13.67 18.09
C VAL B 275 -6.14 -14.80 18.82
N ILE B 276 -6.66 -15.11 20.01
CA ILE B 276 -6.08 -16.12 20.88
C ILE B 276 -6.99 -17.34 20.89
N PRO B 277 -6.72 -18.38 20.09
CA PRO B 277 -7.52 -19.60 20.20
C PRO B 277 -7.23 -20.32 21.52
N THR B 278 -8.30 -20.86 22.11
CA THR B 278 -8.21 -21.52 23.41
C THR B 278 -8.80 -22.93 23.23
N ASP B 279 -8.51 -23.56 22.07
CA ASP B 279 -9.01 -24.91 21.77
C ASP B 279 -8.12 -26.01 22.36
N LYS B 280 -7.00 -25.65 23.01
CA LYS B 280 -6.06 -26.62 23.52
C LYS B 280 -5.79 -26.25 24.96
N LYS B 281 -4.91 -27.00 25.59
CA LYS B 281 -4.75 -26.92 27.01
C LYS B 281 -4.24 -25.56 27.43
N GLN B 282 -3.26 -25.01 26.70
CA GLN B 282 -2.70 -23.68 26.98
C GLN B 282 -2.90 -22.79 25.76
N SER B 283 -2.93 -21.46 25.97
CA SER B 283 -3.14 -20.51 24.88
C SER B 283 -2.18 -19.35 25.04
N PHE B 284 -2.26 -18.38 24.10
CA PHE B 284 -1.37 -17.23 24.26
C PHE B 284 -1.72 -16.39 25.50
N LEU B 285 -2.94 -16.47 25.99
CA LEU B 285 -3.34 -15.81 27.23
C LEU B 285 -2.46 -16.28 28.39
N ASP B 286 -2.12 -17.59 28.42
CA ASP B 286 -1.22 -18.11 29.45
C ASP B 286 0.15 -17.49 29.29
N ALA B 287 0.61 -17.25 28.04
CA ALA B 287 1.91 -16.67 27.78
C ALA B 287 1.98 -15.19 28.15
N ILE B 288 0.87 -14.44 27.90
CA ILE B 288 0.75 -13.03 28.26
C ILE B 288 0.83 -12.89 29.77
N ARG B 289 0.13 -13.77 30.49
CA ARG B 289 0.20 -13.76 31.95
CA ARG B 289 0.17 -13.82 31.95
C ARG B 289 1.60 -14.12 32.38
N ASN B 290 2.19 -15.17 31.79
CA ASN B 290 3.57 -15.50 32.15
C ASN B 290 4.31 -16.26 31.03
N LEU B 291 5.32 -15.60 30.46
CA LEU B 291 5.92 -16.05 29.22
C LEU B 291 6.46 -17.48 29.38
N LYS B 292 7.19 -17.74 30.46
CA LYS B 292 7.85 -19.02 30.66
C LYS B 292 6.90 -20.14 31.10
N SER B 293 5.62 -19.84 31.22
CA SER B 293 4.61 -20.81 31.60
C SER B 293 4.16 -21.69 30.44
N VAL B 294 4.52 -21.39 29.18
CA VAL B 294 3.97 -22.11 28.03
C VAL B 294 5.13 -22.83 27.36
N PRO B 295 4.89 -23.78 26.44
CA PRO B 295 5.99 -24.43 25.72
C PRO B 295 6.83 -23.47 24.89
N SER B 296 8.06 -23.90 24.59
CA SER B 296 9.07 -23.14 23.87
C SER B 296 9.39 -23.78 22.55
N PHE B 297 9.85 -22.92 21.63
CA PHE B 297 10.67 -23.35 20.51
C PHE B 297 12.09 -23.55 21.00
N GLN B 298 12.65 -24.76 20.76
CA GLN B 298 13.99 -25.05 21.25
C GLN B 298 14.99 -24.81 20.12
N ALA B 299 15.64 -23.67 20.16
CA ALA B 299 16.61 -23.36 19.13
C ALA B 299 17.97 -23.82 19.66
N LYS B 300 18.97 -23.94 18.77
CA LYS B 300 20.37 -24.13 19.14
C LYS B 300 20.82 -23.08 20.16
N ASP B 301 20.34 -21.89 19.92
CA ASP B 301 20.63 -20.67 20.62
C ASP B 301 20.19 -20.77 22.08
N GLY B 302 19.08 -21.48 22.36
CA GLY B 302 18.23 -21.10 23.49
C GLY B 302 16.75 -21.49 23.30
N ASN B 303 15.94 -21.30 24.36
CA ASN B 303 14.51 -21.58 24.33
C ASN B 303 13.74 -20.29 24.11
N TYR B 304 12.79 -20.34 23.21
CA TYR B 304 12.01 -19.17 22.84
C TYR B 304 10.58 -19.49 23.13
N PRO B 305 10.05 -19.11 24.31
CA PRO B 305 8.66 -19.47 24.64
C PRO B 305 7.61 -18.87 23.69
N ALA B 306 6.51 -19.63 23.48
CA ALA B 306 5.24 -19.11 22.99
C ALA B 306 5.18 -19.00 21.46
N LEU B 307 6.30 -19.20 20.76
CA LEU B 307 6.36 -18.96 19.32
C LEU B 307 5.76 -20.09 18.45
N ILE B 308 5.68 -21.34 18.91
CA ILE B 308 5.15 -22.42 18.08
C ILE B 308 4.01 -23.13 18.77
N SER B 309 3.03 -23.53 17.97
CA SER B 309 1.95 -24.38 18.42
C SER B 309 2.52 -25.76 18.70
N THR B 310 1.97 -26.43 19.72
CA THR B 310 2.20 -27.85 19.93
C THR B 310 0.86 -28.54 20.13
N ASP B 311 0.88 -29.80 20.62
CA ASP B 311 -0.40 -30.50 20.75
C ASP B 311 -1.14 -29.98 21.98
N ASP B 312 -0.49 -29.30 22.95
CA ASP B 312 -1.11 -28.68 24.11
C ASP B 312 -1.09 -27.14 24.17
N TYR B 313 -0.69 -26.45 23.10
CA TYR B 313 -0.53 -24.99 23.11
C TYR B 313 -0.76 -24.46 21.69
N GLU B 314 -1.62 -23.45 21.55
CA GLU B 314 -1.79 -22.77 20.26
C GLU B 314 -1.11 -21.40 20.35
N ALA B 315 -0.22 -21.15 19.38
CA ALA B 315 0.28 -19.83 19.09
C ALA B 315 -0.88 -18.94 18.63
N PRO B 316 -0.76 -17.61 18.86
CA PRO B 316 -1.80 -16.67 18.47
C PRO B 316 -1.89 -16.63 16.97
N VAL B 317 -3.12 -16.40 16.49
CA VAL B 317 -3.39 -16.36 15.08
C VAL B 317 -3.29 -14.88 14.72
N GLU B 318 -2.42 -14.54 13.80
CA GLU B 318 -2.31 -13.16 13.39
C GLU B 318 -3.37 -12.87 12.35
N LEU B 319 -4.13 -11.80 12.57
CA LEU B 319 -5.03 -11.33 11.51
C LEU B 319 -4.39 -10.31 10.60
N MET B 320 -3.58 -9.41 11.12
CA MET B 320 -3.01 -8.36 10.31
C MET B 320 -1.68 -7.89 10.94
N ARG B 321 -0.68 -7.75 10.05
CA ARG B 321 0.62 -7.15 10.35
C ARG B 321 0.63 -5.72 9.82
N PHE B 322 0.90 -4.73 10.69
CA PHE B 322 0.96 -3.38 10.16
C PHE B 322 2.08 -2.64 10.86
N PHE B 323 2.49 -1.54 10.24
CA PHE B 323 3.49 -0.72 10.89
C PHE B 323 2.96 0.69 11.02
N THR B 324 3.26 1.34 12.16
CA THR B 324 2.81 2.72 12.32
C THR B 324 3.72 3.64 11.52
N GLY B 325 3.15 4.78 11.07
CA GLY B 325 4.00 5.87 10.64
C GLY B 325 4.84 6.40 11.79
N PHE B 326 5.80 7.26 11.48
CA PHE B 326 6.56 8.01 12.46
C PHE B 326 5.75 9.22 12.97
N GLY B 327 5.06 9.01 14.08
CA GLY B 327 4.36 10.04 14.85
C GLY B 327 3.15 10.68 14.18
N VAL B 328 2.27 9.86 13.62
CA VAL B 328 1.01 10.32 13.08
C VAL B 328 0.27 11.24 14.07
N ARG B 329 -0.25 12.37 13.58
CA ARG B 329 -1.05 13.36 14.31
CA ARG B 329 -1.07 13.33 14.34
C ARG B 329 -0.22 14.11 15.34
N LYS B 330 0.41 13.42 16.25
CA LYS B 330 1.17 14.05 17.31
C LYS B 330 2.28 14.98 16.81
N PHE B 331 2.92 14.66 15.67
CA PHE B 331 4.03 15.47 15.18
C PHE B 331 3.63 16.23 13.94
N ASN B 332 2.34 16.49 13.74
CA ASN B 332 1.84 17.13 12.54
C ASN B 332 2.24 18.62 12.41
N HIS B 333 2.90 19.15 13.41
CA HIS B 333 3.37 20.52 13.42
C HIS B 333 4.71 20.62 12.71
N ASN B 334 5.37 19.47 12.48
CA ASN B 334 6.57 19.42 11.66
C ASN B 334 6.30 19.98 10.28
N LYS B 335 7.23 20.81 9.80
CA LYS B 335 7.11 21.46 8.52
C LYS B 335 8.09 20.79 7.56
N VAL B 336 7.55 20.22 6.50
CA VAL B 336 8.39 19.69 5.44
C VAL B 336 7.71 20.07 4.13
N LYS B 337 8.42 20.91 3.40
CA LYS B 337 7.88 21.48 2.20
C LYS B 337 7.37 20.37 1.30
N GLY B 338 6.16 20.59 0.79
CA GLY B 338 5.47 19.70 -0.11
C GLY B 338 4.65 18.60 0.58
N GLN B 339 4.84 18.42 1.89
CA GLN B 339 4.08 17.39 2.60
C GLN B 339 2.88 18.02 3.31
N HIS B 340 1.82 17.24 3.39
CA HIS B 340 0.58 17.51 4.09
C HIS B 340 0.23 16.23 4.85
N TRP B 341 0.40 16.27 6.16
CA TRP B 341 0.28 15.12 7.01
C TRP B 341 -1.17 14.64 7.13
N VAL B 342 -1.30 13.33 7.24
CA VAL B 342 -2.58 12.71 7.55
C VAL B 342 -2.87 12.93 9.04
N ASP B 343 -4.15 12.84 9.43
CA ASP B 343 -4.55 13.00 10.83
C ASP B 343 -4.66 11.65 11.55
N SER B 344 -4.79 10.57 10.81
CA SER B 344 -4.71 9.26 11.40
C SER B 344 -4.43 8.30 10.24
N VAL B 345 -4.04 7.07 10.51
CA VAL B 345 -3.82 6.08 9.46
C VAL B 345 -4.82 4.95 9.65
N ILE B 346 -5.41 4.54 8.58
CA ILE B 346 -6.23 3.36 8.61
C ILE B 346 -5.59 2.22 7.83
N TYR B 347 -5.96 1.02 8.31
CA TYR B 347 -5.53 -0.25 7.77
C TYR B 347 -6.75 -1.17 7.68
N LYS B 348 -7.03 -1.74 6.49
CA LYS B 348 -8.13 -2.66 6.34
C LYS B 348 -7.70 -3.87 5.52
N SER B 349 -7.85 -5.08 6.12
CA SER B 349 -7.48 -6.34 5.48
C SER B 349 -8.65 -7.32 5.50
N GLU B 350 -8.79 -8.07 4.43
CA GLU B 350 -9.67 -9.22 4.33
C GLU B 350 -9.02 -10.45 5.00
N VAL B 351 -9.79 -11.06 5.94
CA VAL B 351 -9.30 -12.17 6.74
C VAL B 351 -10.28 -13.35 6.61
N THR B 352 -11.10 -13.34 5.56
CA THR B 352 -12.10 -14.38 5.35
C THR B 352 -11.55 -15.79 5.61
N PRO B 353 -10.36 -16.19 5.12
CA PRO B 353 -9.91 -17.55 5.35
C PRO B 353 -9.64 -17.95 6.79
N LEU B 354 -9.59 -17.00 7.72
CA LEU B 354 -9.46 -17.24 9.14
C LEU B 354 -10.83 -17.30 9.83
N ALA B 355 -11.89 -17.42 9.05
CA ALA B 355 -13.26 -17.41 9.56
C ALA B 355 -13.45 -18.28 10.81
N SER B 356 -12.87 -19.49 10.79
CA SER B 356 -13.05 -20.45 11.86
C SER B 356 -12.53 -19.93 13.17
N GLN B 357 -11.62 -18.96 13.14
CA GLN B 357 -11.10 -18.40 14.37
C GLN B 357 -11.86 -17.12 14.71
N LEU B 358 -12.89 -16.78 13.91
CA LEU B 358 -13.62 -15.54 14.09
C LEU B 358 -15.13 -15.79 14.25
N GLN B 359 -15.46 -16.78 15.08
CA GLN B 359 -16.81 -17.24 15.35
C GLN B 359 -16.95 -17.44 16.87
N GLY B 360 -18.11 -17.04 17.42
CA GLY B 360 -18.38 -17.30 18.82
C GLY B 360 -17.68 -16.28 19.69
N GLU B 361 -17.33 -16.72 20.91
CA GLU B 361 -16.62 -15.91 21.85
C GLU B 361 -15.14 -16.08 21.51
N VAL B 362 -14.45 -14.94 21.30
CA VAL B 362 -13.07 -14.93 20.84
C VAL B 362 -12.34 -13.82 21.59
N TRP B 363 -11.15 -14.13 22.11
CA TRP B 363 -10.19 -13.15 22.55
C TRP B 363 -9.48 -12.52 21.35
N ILE B 364 -9.65 -11.19 21.20
CA ILE B 364 -8.96 -10.38 20.17
C ILE B 364 -7.97 -9.49 20.84
N GLY B 365 -6.82 -9.29 20.17
CA GLY B 365 -5.78 -8.43 20.67
C GLY B 365 -5.26 -7.47 19.59
N ALA B 366 -4.68 -6.37 20.06
CA ALA B 366 -3.87 -5.49 19.24
C ALA B 366 -2.60 -5.14 19.98
N TYR B 367 -1.53 -5.10 19.20
CA TYR B 367 -0.21 -4.87 19.69
C TYR B 367 0.40 -3.71 18.92
N ILE B 368 1.02 -2.78 19.63
CA ILE B 368 1.93 -1.84 19.02
C ILE B 368 3.10 -1.74 19.97
N GLY B 369 4.22 -2.33 19.54
CA GLY B 369 5.34 -2.44 20.43
C GLY B 369 5.97 -1.05 20.58
N ASN B 370 6.03 -0.54 21.81
CA ASN B 370 6.67 0.74 22.02
C ASN B 370 7.08 0.89 23.48
N TRP B 371 7.89 1.91 23.72
CA TRP B 371 8.40 2.19 25.04
C TRP B 371 7.90 3.53 25.57
N ASP B 372 6.84 4.11 25.00
CA ASP B 372 6.48 5.48 25.31
C ASP B 372 5.41 5.47 26.38
N ALA B 373 5.39 6.49 27.25
CA ALA B 373 4.43 6.57 28.36
C ALA B 373 3.01 6.81 27.86
N LYS B 374 2.87 7.43 26.70
CA LYS B 374 1.56 7.77 26.16
C LYS B 374 1.24 6.90 24.94
N GLY B 375 2.27 6.66 24.10
CA GLY B 375 2.21 5.63 23.05
C GLY B 375 1.29 6.04 21.91
N HIS B 376 0.28 5.17 21.66
CA HIS B 376 -0.58 5.24 20.52
C HIS B 376 -2.02 5.12 20.99
N ARG B 377 -2.90 5.50 20.09
CA ARG B 377 -4.32 5.24 20.20
C ARG B 377 -4.76 4.47 18.97
N LEU B 378 -5.51 3.38 19.20
CA LEU B 378 -5.88 2.44 18.15
C LEU B 378 -7.34 2.08 18.30
N SER B 379 -8.02 2.03 17.17
CA SER B 379 -9.38 1.55 17.06
C SER B 379 -9.32 0.31 16.21
N LEU B 380 -10.30 -0.56 16.44
CA LEU B 380 -10.40 -1.85 15.75
C LEU B 380 -11.85 -2.26 15.69
N LYS B 381 -12.30 -2.58 14.49
CA LYS B 381 -13.58 -3.24 14.26
C LYS B 381 -13.45 -4.42 13.29
N LEU B 382 -14.33 -5.41 13.42
CA LEU B 382 -14.50 -6.47 12.44
C LEU B 382 -15.79 -6.25 11.71
N LYS B 383 -15.73 -6.51 10.43
CA LYS B 383 -16.89 -6.41 9.58
C LYS B 383 -17.14 -7.72 8.89
N TYR B 384 -18.41 -8.16 8.90
CA TYR B 384 -18.80 -9.34 8.16
C TYR B 384 -19.82 -8.92 7.10
N TYR B 385 -19.46 -9.05 5.85
CA TYR B 385 -20.29 -8.67 4.74
C TYR B 385 -20.90 -9.94 4.17
N PRO B 386 -22.22 -9.95 3.88
CA PRO B 386 -22.87 -11.11 3.27
C PRO B 386 -22.14 -11.50 1.99
N ASP B 387 -22.01 -12.80 1.72
CA ASP B 387 -21.35 -13.28 0.53
C ASP B 387 -22.12 -14.47 -0.05
N ASP B 388 -21.82 -14.85 -1.31
CA ASP B 388 -22.34 -16.08 -1.86
C ASP B 388 -21.97 -17.24 -0.93
N GLU B 389 -22.63 -18.39 -1.14
CA GLU B 389 -22.47 -19.54 -0.26
C GLU B 389 -20.97 -19.66 0.01
N ARG B 390 -20.59 -19.75 1.27
CA ARG B 390 -19.18 -19.94 1.55
C ARG B 390 -19.07 -20.71 2.85
N ARG B 391 -18.58 -21.94 2.71
CA ARG B 391 -18.20 -22.81 3.79
C ARG B 391 -17.13 -22.14 4.64
N VAL B 392 -17.19 -22.35 5.95
CA VAL B 392 -16.07 -22.12 6.84
C VAL B 392 -15.12 -23.32 6.67
N ASN B 393 -13.85 -23.01 6.40
CA ASN B 393 -12.80 -24.00 6.28
C ASN B 393 -12.11 -24.04 7.62
N LYS B 394 -10.92 -24.65 7.70
CA LYS B 394 -10.22 -24.60 8.98
C LYS B 394 -8.97 -23.70 8.85
N ALA B 395 -8.52 -23.23 9.98
CA ALA B 395 -7.33 -22.40 10.09
C ALA B 395 -6.68 -22.71 11.39
N MET B 396 -5.54 -23.39 11.34
CA MET B 396 -4.83 -23.82 12.51
C MET B 396 -3.55 -23.01 12.64
N PRO B 397 -3.29 -22.36 13.77
CA PRO B 397 -2.04 -21.65 13.93
C PRO B 397 -0.86 -22.59 14.12
N LEU B 398 0.27 -22.27 13.47
CA LEU B 398 1.46 -23.10 13.53
C LEU B 398 2.53 -22.38 14.27
N PHE B 399 2.71 -21.10 13.97
CA PHE B 399 3.81 -20.36 14.57
C PHE B 399 3.51 -18.85 14.53
N ASN B 400 4.20 -18.12 15.37
CA ASN B 400 4.11 -16.68 15.40
C ASN B 400 5.30 -16.13 16.15
N THR B 401 6.24 -15.48 15.43
CA THR B 401 7.44 -14.94 16.06
C THR B 401 7.40 -13.44 16.24
N VAL B 402 6.23 -12.85 16.11
CA VAL B 402 6.11 -11.44 16.44
C VAL B 402 6.45 -11.34 17.92
N ASN B 403 7.13 -10.27 18.31
CA ASN B 403 7.57 -10.08 19.68
C ASN B 403 6.52 -9.27 20.47
N TYR B 404 5.35 -9.87 20.59
CA TYR B 404 4.20 -9.32 21.26
C TYR B 404 4.51 -8.93 22.72
N LEU B 405 5.49 -9.60 23.36
CA LEU B 405 5.76 -9.43 24.76
C LEU B 405 7.12 -8.76 24.96
N GLU B 406 7.54 -7.98 23.95
CA GLU B 406 8.72 -7.14 24.02
C GLU B 406 8.73 -6.32 25.32
N GLN B 407 7.60 -5.72 25.68
CA GLN B 407 7.64 -4.82 26.82
C GLN B 407 7.52 -5.58 28.15
N ALA B 408 7.39 -6.94 28.11
CA ALA B 408 7.43 -7.81 29.29
C ALA B 408 8.64 -8.78 29.24
N GLY B 409 9.66 -8.42 28.47
CA GLY B 409 10.94 -9.11 28.51
C GLY B 409 11.16 -10.22 27.47
N GLN B 410 10.24 -10.40 26.52
CA GLN B 410 10.41 -11.38 25.45
C GLN B 410 11.69 -11.14 24.65
N ALA B 411 12.45 -12.21 24.43
CA ALA B 411 13.64 -12.14 23.57
C ALA B 411 13.25 -11.79 22.14
N TYR B 412 14.14 -11.15 21.41
CA TYR B 412 13.99 -10.92 19.98
C TYR B 412 14.23 -12.24 19.26
N PRO B 413 13.44 -12.57 18.21
CA PRO B 413 13.59 -13.88 17.54
C PRO B 413 14.80 -13.86 16.63
N VAL B 414 15.99 -14.05 17.22
CA VAL B 414 17.25 -13.87 16.50
C VAL B 414 17.85 -15.23 16.17
N PHE B 415 17.09 -16.30 16.42
CA PHE B 415 17.65 -17.64 16.29
C PHE B 415 17.83 -18.04 14.83
N PHE B 416 17.29 -17.25 13.87
CA PHE B 416 17.41 -17.59 12.47
C PHE B 416 18.85 -17.61 11.99
N LEU B 417 19.72 -16.95 12.75
CA LEU B 417 21.12 -16.90 12.37
C LEU B 417 21.69 -18.32 12.23
N ASN B 418 21.33 -19.23 13.13
CA ASN B 418 21.91 -20.57 13.13
C ASN B 418 20.86 -21.66 13.09
N ASP B 419 19.59 -21.32 13.06
CA ASP B 419 18.57 -22.35 13.15
C ASP B 419 17.42 -21.94 12.24
N SER B 420 16.66 -22.93 11.78
CA SER B 420 15.38 -22.76 11.09
C SER B 420 14.29 -22.77 12.14
N LEU B 421 13.16 -22.14 11.84
CA LEU B 421 12.01 -22.35 12.68
C LEU B 421 11.39 -23.68 12.23
N ARG B 422 11.03 -24.56 13.16
CA ARG B 422 10.46 -25.87 12.83
C ARG B 422 9.25 -26.11 13.70
N VAL B 423 8.23 -26.69 13.09
CA VAL B 423 7.00 -27.03 13.81
C VAL B 423 6.51 -28.33 13.21
N ARG B 424 5.81 -29.09 14.03
CA ARG B 424 5.27 -30.38 13.63
C ARG B 424 3.80 -30.27 13.87
N PHE B 425 2.95 -30.84 13.03
CA PHE B 425 1.54 -30.81 13.36
C PHE B 425 0.96 -32.12 12.87
N THR B 426 -0.23 -32.48 13.40
CA THR B 426 -0.95 -33.67 12.93
C THR B 426 -2.32 -33.28 12.38
N LEU B 427 -2.70 -33.93 11.29
CA LEU B 427 -4.03 -33.77 10.75
C LEU B 427 -4.80 -35.07 10.97
N LYS B 428 -6.08 -34.94 11.34
CA LYS B 428 -6.97 -36.07 11.56
C LYS B 428 -7.47 -36.65 10.23
N GLU B 429 -7.75 -35.77 9.26
CA GLU B 429 -8.26 -36.16 7.97
C GLU B 429 -7.33 -35.63 6.89
N PRO B 430 -7.40 -36.13 5.65
CA PRO B 430 -6.66 -35.54 4.54
C PRO B 430 -7.12 -34.09 4.40
N ALA B 431 -6.26 -33.22 3.87
CA ALA B 431 -6.60 -31.83 3.58
C ALA B 431 -6.31 -31.58 2.12
N LYS B 432 -7.28 -30.99 1.43
CA LYS B 432 -7.16 -30.70 0.02
C LYS B 432 -6.71 -29.24 -0.10
N ASN B 433 -5.75 -28.96 -0.98
CA ASN B 433 -5.38 -27.59 -1.35
C ASN B 433 -5.03 -26.74 -0.13
N ALA B 434 -4.25 -27.31 0.77
CA ALA B 434 -3.81 -26.60 1.94
C ALA B 434 -2.89 -25.43 1.51
N ARG B 435 -2.96 -24.39 2.36
CA ARG B 435 -2.14 -23.20 2.18
C ARG B 435 -1.58 -22.77 3.53
N LEU B 436 -0.44 -22.09 3.47
CA LEU B 436 0.12 -21.42 4.63
C LEU B 436 -0.15 -19.94 4.43
N PHE B 437 -0.92 -19.37 5.36
CA PHE B 437 -1.18 -17.95 5.48
C PHE B 437 -0.01 -17.33 6.25
N TYR B 438 0.89 -16.67 5.49
CA TYR B 438 2.27 -16.43 5.97
C TYR B 438 2.59 -14.94 5.94
N LEU B 439 2.84 -14.38 7.14
CA LEU B 439 3.22 -12.98 7.25
C LEU B 439 4.66 -12.87 7.73
N THR B 440 5.49 -12.17 6.96
CA THR B 440 6.91 -12.06 7.24
C THR B 440 7.34 -10.62 7.13
N THR B 441 8.12 -10.19 8.13
CA THR B 441 8.89 -8.98 8.04
C THR B 441 10.27 -9.17 8.67
N GLY B 442 11.24 -8.51 8.04
CA GLY B 442 12.62 -8.55 8.50
C GLY B 442 12.97 -7.25 9.24
N HIS B 443 13.84 -7.36 10.24
CA HIS B 443 14.12 -6.30 11.20
C HIS B 443 15.61 -6.26 11.55
N GLY B 444 16.03 -5.09 12.01
CA GLY B 444 17.43 -4.83 12.28
C GLY B 444 17.76 -3.54 11.55
N GLY B 445 17.53 -2.44 12.28
CA GLY B 445 17.40 -1.11 11.70
C GLY B 445 18.73 -0.37 11.54
N TRP B 446 19.72 -1.02 10.91
CA TRP B 446 20.90 -0.30 10.43
C TRP B 446 21.30 -0.85 9.06
N GLY B 447 22.38 -0.31 8.49
CA GLY B 447 22.72 -0.52 7.10
C GLY B 447 23.01 -1.98 6.79
N ASN B 448 23.51 -2.73 7.79
CA ASN B 448 23.77 -4.14 7.53
C ASN B 448 22.73 -5.02 8.23
N GLY B 449 21.64 -4.43 8.70
CA GLY B 449 20.62 -5.21 9.33
C GLY B 449 19.52 -5.65 8.35
N ASP B 450 18.70 -6.63 8.76
CA ASP B 450 17.73 -7.22 7.84
C ASP B 450 16.49 -6.33 7.57
N GLU B 451 16.38 -5.19 8.21
CA GLU B 451 15.31 -4.27 7.86
C GLU B 451 15.52 -3.75 6.44
N PHE B 452 16.79 -3.64 6.04
CA PHE B 452 17.15 -2.88 4.86
C PHE B 452 17.93 -3.72 3.86
N ASN B 453 17.95 -5.04 4.00
CA ASN B 453 18.65 -5.89 3.07
C ASN B 453 17.76 -7.09 2.72
N GLN B 454 17.73 -7.42 1.44
CA GLN B 454 16.91 -8.52 0.93
C GLN B 454 17.50 -9.84 1.37
N LYS B 455 16.67 -10.69 1.94
CA LYS B 455 17.00 -12.02 2.38
C LYS B 455 15.89 -12.95 1.96
N PRO B 456 16.22 -14.17 1.46
CA PRO B 456 15.15 -15.13 1.23
C PRO B 456 14.49 -15.67 2.47
N ASN B 457 13.21 -16.05 2.33
CA ASN B 457 12.60 -16.97 3.24
C ASN B 457 12.29 -18.27 2.49
N THR B 458 12.76 -19.42 2.98
CA THR B 458 12.51 -20.70 2.31
C THR B 458 11.66 -21.56 3.23
N VAL B 459 10.55 -22.02 2.70
CA VAL B 459 9.62 -22.80 3.45
C VAL B 459 9.74 -24.26 2.99
N TYR B 460 9.82 -25.18 3.98
CA TYR B 460 9.91 -26.61 3.73
C TYR B 460 8.71 -27.31 4.37
N LEU B 461 8.18 -28.32 3.67
CA LEU B 461 7.15 -29.21 4.16
C LEU B 461 7.59 -30.66 4.01
N ASP B 462 7.55 -31.38 5.15
CA ASP B 462 8.04 -32.76 5.23
C ASP B 462 9.39 -32.86 4.55
N GLY B 463 10.30 -31.94 4.87
CA GLY B 463 11.68 -31.96 4.37
C GLY B 463 11.87 -31.55 2.89
N LYS B 464 10.79 -31.18 2.17
CA LYS B 464 10.94 -30.72 0.79
C LYS B 464 10.64 -29.22 0.66
N LYS B 465 11.49 -28.51 -0.10
CA LYS B 465 11.33 -27.10 -0.38
C LYS B 465 10.00 -26.83 -1.07
N VAL B 466 9.20 -25.98 -0.43
CA VAL B 466 7.96 -25.49 -1.02
C VAL B 466 8.22 -24.24 -1.85
N ILE B 467 8.87 -23.25 -1.24
CA ILE B 467 9.08 -22.00 -1.93
C ILE B 467 10.26 -21.33 -1.27
N SER B 468 11.01 -20.61 -2.05
CA SER B 468 11.97 -19.65 -1.55
C SER B 468 11.64 -18.28 -2.15
N PHE B 469 11.47 -17.23 -1.34
CA PHE B 469 11.15 -15.95 -1.93
C PHE B 469 11.68 -14.81 -1.06
N ILE B 470 11.85 -13.67 -1.68
CA ILE B 470 12.43 -12.49 -1.02
C ILE B 470 11.32 -11.52 -0.59
N PRO B 471 11.05 -11.36 0.71
CA PRO B 471 10.11 -10.35 1.23
C PRO B 471 10.67 -8.95 1.07
N TRP B 472 9.97 -8.09 0.33
CA TRP B 472 10.56 -6.79 0.03
C TRP B 472 9.44 -5.81 -0.34
N ARG B 473 9.56 -4.55 0.10
CA ARG B 473 8.69 -3.47 -0.29
C ARG B 473 9.51 -2.32 -0.82
N ASP B 474 9.18 -1.83 -2.02
CA ASP B 474 9.96 -0.72 -2.55
C ASP B 474 9.09 0.48 -2.93
N ASP B 475 7.92 0.59 -2.28
CA ASP B 475 6.93 1.63 -2.55
C ASP B 475 6.80 2.55 -1.34
N CYS B 476 7.73 2.56 -0.39
CA CYS B 476 7.53 3.22 0.88
C CYS B 476 7.48 4.76 0.78
N GLY B 477 8.14 5.32 -0.24
CA GLY B 477 8.08 6.73 -0.60
C GLY B 477 6.63 7.21 -0.81
N THR B 478 5.77 6.28 -1.15
CA THR B 478 4.38 6.56 -1.36
C THR B 478 3.71 7.16 -0.12
N TYR B 479 4.09 6.74 1.08
CA TYR B 479 3.38 7.04 2.31
C TYR B 479 4.12 8.07 3.16
N ARG B 480 4.89 8.96 2.50
CA ARG B 480 5.61 10.02 3.19
C ARG B 480 4.66 10.85 4.09
N ASN B 481 3.47 11.15 3.61
CA ASN B 481 2.54 12.02 4.33
C ASN B 481 1.96 11.36 5.57
N SER B 482 2.26 10.07 5.78
CA SER B 482 1.91 9.36 6.98
C SER B 482 3.04 9.37 7.96
N ASN B 483 4.06 10.21 7.73
CA ASN B 483 5.26 10.05 8.52
C ASN B 483 5.88 11.39 8.90
N PRO B 484 5.18 12.20 9.70
CA PRO B 484 5.64 13.56 10.04
C PRO B 484 6.93 13.60 10.83
N CYS B 485 7.25 12.56 11.62
CA CYS B 485 8.46 12.58 12.41
C CYS B 485 9.55 11.69 11.80
N SER B 486 9.45 11.33 10.53
CA SER B 486 10.51 10.57 9.89
C SER B 486 11.75 11.47 9.77
N GLY B 487 12.91 10.93 10.11
CA GLY B 487 14.21 11.62 9.97
C GLY B 487 14.51 11.88 8.51
N ASN B 488 14.88 13.14 8.20
CA ASN B 488 15.20 13.61 6.88
C ASN B 488 16.71 13.59 6.73
N PHE B 489 17.19 12.80 5.78
CA PHE B 489 18.61 12.63 5.61
C PHE B 489 19.17 13.73 4.69
N SER B 490 20.51 13.85 4.78
CA SER B 490 21.23 14.85 4.02
C SER B 490 21.33 14.45 2.56
N ASN B 491 20.90 13.24 2.16
CA ASN B 491 20.82 12.95 0.73
C ASN B 491 19.43 13.15 0.14
N GLY B 492 18.50 13.69 0.94
CA GLY B 492 17.22 14.13 0.38
C GLY B 492 16.10 13.10 0.64
N LEU B 493 16.42 11.92 1.11
CA LEU B 493 15.41 10.89 1.39
C LEU B 493 15.03 11.04 2.86
N SER B 494 13.84 10.51 3.21
CA SER B 494 13.41 10.40 4.58
C SER B 494 13.43 8.93 4.99
N SER B 495 13.57 8.64 6.28
CA SER B 495 13.64 7.28 6.78
C SER B 495 12.47 6.46 6.26
N SER B 496 11.26 7.05 6.20
CA SER B 496 10.04 6.33 5.85
C SER B 496 10.02 5.97 4.36
N ASP B 497 10.82 6.64 3.54
CA ASP B 497 10.93 6.37 2.12
C ASP B 497 11.73 5.13 1.79
N LEU B 498 12.55 4.62 2.69
CA LEU B 498 13.48 3.56 2.29
C LEU B 498 12.77 2.22 2.07
N SER B 499 13.27 1.48 1.06
CA SER B 499 12.83 0.10 0.80
C SER B 499 13.26 -0.78 1.96
N ARG B 500 12.43 -1.75 2.33
CA ARG B 500 12.60 -2.57 3.51
C ARG B 500 12.13 -4.01 3.26
N SER B 501 12.43 -4.89 4.22
CA SER B 501 12.08 -6.28 4.12
C SER B 501 10.62 -6.54 4.51
N ASN B 502 9.75 -6.05 3.63
CA ASN B 502 8.35 -6.48 3.48
C ASN B 502 7.40 -5.58 4.25
N TRP B 503 7.85 -4.35 4.51
CA TRP B 503 7.02 -3.41 5.26
C TRP B 503 7.38 -1.97 4.99
N CYS B 504 6.37 -1.12 5.15
CA CYS B 504 6.56 0.32 5.08
C CYS B 504 5.89 0.96 6.27
N PRO B 505 6.53 1.93 6.94
CA PRO B 505 5.89 2.71 8.01
C PRO B 505 4.64 3.39 7.50
N GLY B 506 3.52 3.06 8.16
CA GLY B 506 2.19 3.55 7.80
C GLY B 506 1.32 2.59 7.01
N THR B 507 1.78 1.35 6.74
CA THR B 507 1.04 0.48 5.85
C THR B 507 0.92 -0.92 6.43
N VAL B 508 0.01 -1.67 5.85
CA VAL B 508 -0.20 -3.09 6.05
C VAL B 508 0.90 -3.88 5.33
N THR B 509 1.37 -4.95 5.98
CA THR B 509 2.17 -5.97 5.31
C THR B 509 1.20 -7.07 4.87
N THR B 510 1.13 -7.35 3.59
CA THR B 510 0.14 -8.33 3.16
C THR B 510 0.70 -9.72 3.30
N PRO B 511 -0.17 -10.69 3.61
CA PRO B 511 0.20 -12.09 3.71
C PRO B 511 0.55 -12.69 2.36
N GLU B 512 1.40 -13.69 2.42
CA GLU B 512 1.65 -14.60 1.31
C GLU B 512 0.70 -15.77 1.51
N TYR B 513 0.14 -16.25 0.41
CA TYR B 513 -0.61 -17.49 0.48
C TYR B 513 0.24 -18.57 -0.16
N ILE B 514 0.90 -19.41 0.64
CA ILE B 514 1.81 -20.38 0.07
C ILE B 514 1.06 -21.70 -0.11
N TYR B 515 1.01 -22.17 -1.33
CA TYR B 515 0.26 -23.38 -1.64
C TYR B 515 1.06 -24.60 -1.20
N LEU B 516 0.49 -25.44 -0.31
CA LEU B 516 1.13 -26.66 0.13
C LEU B 516 0.59 -27.92 -0.55
N GLY B 517 -0.51 -27.84 -1.28
CA GLY B 517 -1.09 -28.99 -1.96
C GLY B 517 -1.97 -29.82 -1.03
N ASP B 518 -2.32 -31.01 -1.50
CA ASP B 518 -3.06 -31.93 -0.69
C ASP B 518 -2.12 -32.53 0.35
N LEU B 519 -2.57 -32.69 1.58
CA LEU B 519 -1.80 -33.28 2.63
C LEU B 519 -2.55 -34.54 3.09
N GLU B 520 -1.77 -35.58 3.41
CA GLU B 520 -2.32 -36.81 3.95
C GLU B 520 -2.58 -36.59 5.42
N ALA B 521 -3.65 -37.19 5.93
CA ALA B 521 -3.81 -37.33 7.37
C ALA B 521 -2.52 -37.87 7.98
N GLY B 522 -2.32 -37.59 9.27
CA GLY B 522 -1.10 -37.97 9.93
C GLY B 522 -0.20 -36.78 10.22
N GLU B 523 1.10 -37.09 10.34
CA GLU B 523 2.06 -36.15 10.85
C GLU B 523 2.65 -35.38 9.67
N HIS B 524 2.99 -34.11 9.93
CA HIS B 524 3.77 -33.30 9.00
C HIS B 524 4.69 -32.40 9.80
N THR B 525 5.78 -31.98 9.14
CA THR B 525 6.66 -30.94 9.61
C THR B 525 6.64 -29.78 8.60
N LEU B 526 6.81 -28.60 9.14
CA LEU B 526 7.07 -27.44 8.34
C LEU B 526 8.27 -26.72 8.93
N SER B 527 9.18 -26.22 8.09
CA SER B 527 10.23 -25.36 8.61
C SER B 527 10.39 -24.11 7.75
N VAL B 528 10.96 -23.06 8.38
CA VAL B 528 11.31 -21.83 7.71
C VAL B 528 12.78 -21.48 7.97
N ARG B 529 13.50 -21.38 6.86
CA ARG B 529 14.90 -21.01 6.90
C ARG B 529 15.05 -19.59 6.40
N ILE B 530 15.82 -18.75 7.14
CA ILE B 530 16.08 -17.39 6.73
C ILE B 530 17.53 -17.12 7.03
N PRO B 531 18.33 -16.65 6.05
CA PRO B 531 19.76 -16.41 6.33
C PRO B 531 19.91 -15.04 6.94
N GLN B 532 19.50 -14.99 8.20
CA GLN B 532 19.47 -13.76 8.98
C GLN B 532 20.86 -13.13 9.06
N GLY B 533 20.98 -11.82 8.96
CA GLY B 533 22.25 -11.15 9.07
C GLY B 533 22.86 -11.30 10.48
N ALA B 534 24.19 -11.17 10.54
CA ALA B 534 24.98 -11.37 11.76
C ALA B 534 24.83 -10.12 12.64
N PRO B 535 24.97 -10.22 13.96
CA PRO B 535 24.94 -9.01 14.80
C PRO B 535 26.16 -8.14 14.56
N GLU B 536 25.99 -6.83 14.85
CA GLU B 536 27.06 -5.85 14.80
C GLU B 536 27.04 -5.04 16.10
N GLY B 537 28.02 -5.37 16.96
CA GLY B 537 28.01 -4.94 18.34
C GLY B 537 26.70 -5.44 18.95
N GLY B 538 25.92 -4.55 19.56
CA GLY B 538 24.66 -4.96 20.14
C GLY B 538 23.49 -4.80 19.17
N SER B 539 23.74 -4.51 17.89
CA SER B 539 22.67 -4.51 16.89
C SER B 539 22.40 -5.95 16.40
N ASN B 540 21.17 -6.41 16.51
CA ASN B 540 20.82 -7.74 15.97
C ASN B 540 19.72 -7.60 14.93
N SER B 541 19.80 -8.42 13.88
CA SER B 541 18.68 -8.62 12.98
C SER B 541 17.75 -9.67 13.58
N TYR B 542 16.48 -9.68 13.16
CA TYR B 542 15.53 -10.69 13.56
C TYR B 542 14.34 -10.69 12.60
N TRP B 543 13.56 -11.76 12.63
CA TRP B 543 12.44 -11.88 11.71
C TRP B 543 11.16 -12.17 12.48
N CYS B 544 10.09 -11.44 12.11
CA CYS B 544 8.76 -11.66 12.65
C CYS B 544 7.90 -12.37 11.62
N ILE B 545 7.73 -13.66 11.83
CA ILE B 545 7.02 -14.50 10.89
C ILE B 545 5.90 -15.21 11.61
N SER B 546 4.76 -15.28 10.93
CA SER B 546 3.62 -16.03 11.44
C SER B 546 3.02 -16.89 10.35
N GLY B 547 2.46 -18.02 10.74
CA GLY B 547 1.85 -18.93 9.77
C GLY B 547 0.67 -19.69 10.36
N THR B 548 -0.44 -19.66 9.63
CA THR B 548 -1.64 -20.36 9.95
C THR B 548 -1.95 -21.25 8.77
N LEU B 549 -2.23 -22.51 9.05
CA LEU B 549 -2.60 -23.46 8.03
C LEU B 549 -4.07 -23.30 7.68
N LEU B 550 -4.35 -23.15 6.39
CA LEU B 550 -5.72 -23.07 5.91
C LEU B 550 -6.01 -24.36 5.16
N TYR B 551 -7.07 -25.08 5.57
CA TYR B 551 -7.40 -26.41 5.01
C TYR B 551 -8.85 -26.88 5.25
#